data_6RJD
#
_entry.id   6RJD
#
_cell.length_a   1.00
_cell.length_b   1.00
_cell.length_c   1.00
_cell.angle_alpha   90.00
_cell.angle_beta   90.00
_cell.angle_gamma   90.00
#
_symmetry.space_group_name_H-M   'P 1'
#
loop_
_entity.id
_entity.type
_entity.pdbx_description
1 polymer 'Streptococcus Thermophilus 1 Cas9'
2 polymer 'sgRNA (78-MER)'
3 polymer tDNA59
4 polymer ntPAM
#
loop_
_entity_poly.entity_id
_entity_poly.type
_entity_poly.pdbx_seq_one_letter_code
_entity_poly.pdbx_strand_id
1 'polypeptide(L)'
;MSDLVLGLDIGIGSVGVGILNKVTGEIIHKNSRIFPAAQAENNLVRRTNRQGRRLTRRKKHRRVRLNRLFEESGLITDFT
KISINLNPYQLRVKGLTDELSNEELFIALKNMVKHRGISYLDDASDDGNSSIGDYAQIVKENSKQLETKTPGQIQLERYQ
TYGQLRGDFTVEKDGKKHRLINVFPTSAYRSEALRILQTQQEFNPQITDEFINRYLEILTGKRKYYHGPGNEKSRTDYGR
YRTSGETLDNIFGILIGKCTFYPDEFRAAKASYTAQEFNLLNDLNNLTVPTETKKLSKEQKNQIINYVKNEKAMGPAKLF
KYIAKLLSCDVADIKGYRIDKSGKAEIHTFEAYRKMKTLETLDIEQMDRETLDKLAYVLTLNTEREGIQEALEHEFADGS
FSQKQVDELVQFRKANSSIFGKGWHNFSVKLMMELIPELYETSEEQMTILTRLGKQKTTSSSNKTKYIDEKLLTEEIYNP
VVAKSVRQAIKIVNAAIKEYGDFDNIVIEMARETNEDDEKKAIQKIQKANKDEKDAAMLKAANQYNGKAELPHSVFHGHK
QLATKIRLWHQQGERCLYTGKTISIHDLINNSNQFEVDHILPLSITFDDSLANKVLVYATANQEKGQRTPYQALDSMDDA
WSFRELKAFVRESKTLSNKKKEYLLTEEDISKFDVRKKFIERNLVDTRYASRVVLNALQEHFRAHKIDTKVSVVRGQFTS
QLRRHWGIEKTRDTYHHHAVDALIIAASSQLNLWKKQKNTLVSYSEDQLLDIETGELISDDEYKESVFKAPYQHFVDTLK
SKEFEDSILFSYQVDSKFNRKISDATIYATRQAKVGKDKADETYVLGKIKDIYTQDGYDAFMKIYKKDKSKFLMYRHDPQ
TFEKVIEPILENYPNKQINEKGKEVPCNPFLKYKEEHGYIRKYSKKGNGPEIKSLKYYDSKLGNHIDITPKDSNNKVVLQ
SVSPWRADVYFNKTTGKYEILGLKYADLQFEKGTGTYKISQEKYNDIKKKEGVDSDSEFKFTLYKNDLLLVKDTETKEQQ
LFRFLSRTMPKQKHYVELKPYDKQKFEGGEALIKVLGNVANSGQCKKGLGKSNISIYKVRTDVLGNQHIIKNEGDKPKLD
F
;
C
2 'polyribonucleotide'
;GUUGCGUUGAUAAAAGUAUUGUUUUUGUACUCUCAAGAUUCAAUAAUCUUGCAGAAGCUACAAAGAUAAGGCUUCAUGCC
GAAAUCAACACCCUGUCAUUUUAUGGCAGGGUGUUUU
;
D
3 'polydeoxyribonucleotide'
;(DA)(DT)(DG)(DG)(DT)(DT)(DC)(DT)(DG)(DG)(DT)(DT)(DT)(DC)(DA)(DT)(DT)(DT)(DT)(DC)
(DT)(DG)(DC)(DA)(DA)(DT)(DA)(DC)(DT)(DT)(DT)(DT)(DA)(DT)(DC)(DA)(DA)(DC)(DG)(DC)
(DA)(DA)(DG)(DA)(DG)(DG)(DT)(DG)(DC)(DT)(DT)(DC)(DT)(DG)(DT)(DT)(DA)(DT)(DG)
;
E
4 'polydeoxyribonucleotide'
;(DG)(DC)(DA)(DG)(DA)(DA)(DA)(DA)(DT)(DG)(DA)(DA)(DA)(DC)(DC)(DA)(DG)(DA)(DA)(DC)
(DC)(DA)(DT)
;
G
#
loop_
_chem_comp.id
_chem_comp.type
_chem_comp.name
_chem_comp.formula
A RNA linking ADENOSINE-5'-MONOPHOSPHATE 'C10 H14 N5 O7 P'
C RNA linking CYTIDINE-5'-MONOPHOSPHATE 'C9 H14 N3 O8 P'
DA DNA linking 2'-DEOXYADENOSINE-5'-MONOPHOSPHATE 'C10 H14 N5 O6 P'
DC DNA linking 2'-DEOXYCYTIDINE-5'-MONOPHOSPHATE 'C9 H14 N3 O7 P'
DG DNA linking 2'-DEOXYGUANOSINE-5'-MONOPHOSPHATE 'C10 H14 N5 O7 P'
DT DNA linking THYMIDINE-5'-MONOPHOSPHATE 'C10 H15 N2 O8 P'
G RNA linking GUANOSINE-5'-MONOPHOSPHATE 'C10 H14 N5 O8 P'
U RNA linking URIDINE-5'-MONOPHOSPHATE 'C9 H13 N2 O9 P'
#
# COMPACT_ATOMS: atom_id res chain seq x y z
N ASP A 3 8.63 40.71 27.57
CA ASP A 3 8.15 39.79 26.55
C ASP A 3 9.29 39.39 25.61
N LEU A 4 9.02 38.47 24.69
CA LEU A 4 10.06 37.81 23.93
C LEU A 4 9.49 37.25 22.62
N VAL A 5 10.38 36.75 21.76
CA VAL A 5 10.03 36.36 20.40
C VAL A 5 10.43 34.89 20.20
N LEU A 6 9.57 34.13 19.51
CA LEU A 6 9.88 32.75 19.12
C LEU A 6 10.01 32.66 17.61
N GLY A 7 11.14 32.10 17.15
CA GLY A 7 11.33 31.77 15.74
C GLY A 7 11.44 30.27 15.58
N LEU A 8 11.01 29.76 14.43
CA LEU A 8 10.77 28.33 14.29
C LEU A 8 10.96 27.92 12.84
N ASP A 9 11.95 27.05 12.60
CA ASP A 9 12.31 26.58 11.27
C ASP A 9 11.82 25.13 11.12
N ILE A 10 11.17 24.86 9.99
CA ILE A 10 10.58 23.56 9.69
C ILE A 10 11.19 23.05 8.40
N GLY A 11 11.93 21.96 8.47
CA GLY A 11 12.48 21.32 7.29
C GLY A 11 11.63 20.16 6.84
N ILE A 12 12.27 19.17 6.19
CA ILE A 12 11.55 17.96 5.80
C ILE A 12 11.42 17.01 6.98
N GLY A 13 12.51 16.76 7.72
CA GLY A 13 12.47 15.81 8.80
C GLY A 13 13.15 16.28 10.07
N SER A 14 13.10 17.59 10.32
CA SER A 14 13.71 18.19 11.50
C SER A 14 13.13 19.57 11.70
N VAL A 15 12.84 19.91 12.95
CA VAL A 15 12.31 21.23 13.30
C VAL A 15 13.17 21.82 14.42
N GLY A 16 13.53 23.09 14.26
CA GLY A 16 14.39 23.76 15.21
C GLY A 16 13.81 25.08 15.67
N VAL A 17 14.08 25.42 16.93
CA VAL A 17 13.50 26.59 17.54
C VAL A 17 14.59 27.61 17.88
N GLY A 18 14.14 28.81 18.21
CA GLY A 18 14.98 29.80 18.85
C GLY A 18 14.15 30.80 19.61
N ILE A 19 14.46 31.00 20.89
CA ILE A 19 13.74 31.95 21.72
C ILE A 19 14.66 33.12 22.03
N LEU A 20 14.29 34.31 21.57
CA LEU A 20 15.12 35.50 21.69
C LEU A 20 14.40 36.61 22.46
N ASN A 21 15.19 37.58 22.89
CA ASN A 21 14.71 38.78 23.56
C ASN A 21 14.71 39.94 22.59
N LYS A 22 13.67 40.77 22.66
CA LYS A 22 13.58 41.94 21.81
C LYS A 22 14.32 43.14 22.40
N VAL A 23 14.26 43.30 23.72
CA VAL A 23 14.82 44.51 24.33
C VAL A 23 16.34 44.40 24.47
N THR A 24 16.88 43.21 24.71
CA THR A 24 18.30 43.06 25.02
C THR A 24 19.08 42.45 23.86
N GLY A 25 18.67 41.28 23.39
CA GLY A 25 19.40 40.60 22.33
C GLY A 25 20.04 39.32 22.79
N GLU A 26 19.45 38.68 23.80
CA GLU A 26 19.96 37.47 24.39
C GLU A 26 19.26 36.24 23.81
N ILE A 27 19.95 35.10 23.90
CA ILE A 27 19.41 33.81 23.50
C ILE A 27 18.94 33.08 24.76
N ILE A 28 17.70 32.59 24.74
CA ILE A 28 17.08 32.02 25.92
C ILE A 28 16.97 30.50 25.84
N HIS A 29 16.60 29.97 24.67
CA HIS A 29 16.41 28.54 24.53
C HIS A 29 16.56 28.15 23.07
N LYS A 30 17.23 27.01 22.83
CA LYS A 30 17.42 26.44 21.52
C LYS A 30 17.21 24.93 21.56
N ASN A 31 16.70 24.39 20.45
CA ASN A 31 16.37 22.98 20.35
C ASN A 31 16.29 22.59 18.89
N SER A 32 16.58 21.32 18.60
CA SER A 32 16.71 20.79 17.24
C SER A 32 16.05 19.42 17.10
N ARG A 33 14.74 19.33 17.37
CA ARG A 33 14.01 18.06 17.33
C ARG A 33 14.07 17.37 15.97
N ILE A 34 14.40 16.07 15.98
CA ILE A 34 14.56 15.25 14.79
C ILE A 34 13.52 14.14 14.81
N PHE A 35 12.92 13.86 13.66
CA PHE A 35 11.94 12.79 13.50
C PHE A 35 12.12 12.19 12.11
N PRO A 36 11.70 10.95 11.89
CA PRO A 36 11.77 10.39 10.54
C PRO A 36 10.69 10.99 9.64
N ALA A 37 11.08 11.37 8.44
CA ALA A 37 10.15 11.98 7.48
C ALA A 37 9.29 10.87 6.89
N ALA A 38 8.02 10.81 7.28
CA ALA A 38 7.11 9.73 6.90
C ALA A 38 6.66 9.94 5.47
N GLN A 39 7.39 9.36 4.51
CA GLN A 39 6.96 9.41 3.13
C GLN A 39 6.04 8.23 2.85
N ALA A 40 5.43 8.24 1.65
CA ALA A 40 4.37 7.30 1.31
C ALA A 40 4.87 6.07 0.55
N GLU A 41 6.13 5.69 0.74
CA GLU A 41 6.58 4.41 0.21
C GLU A 41 6.19 3.26 1.12
N ASN A 42 5.98 3.54 2.41
CA ASN A 42 5.74 2.48 3.37
C ASN A 42 4.27 2.06 3.39
N ASN A 43 3.35 3.01 3.17
CA ASN A 43 1.96 2.60 3.07
C ASN A 43 1.69 1.93 1.73
N LEU A 44 2.47 2.27 0.70
CA LEU A 44 2.37 1.53 -0.56
C LEU A 44 2.88 0.11 -0.40
N VAL A 45 3.94 -0.10 0.37
CA VAL A 45 4.44 -1.45 0.62
C VAL A 45 3.45 -2.24 1.47
N ARG A 46 2.85 -1.58 2.45
CA ARG A 46 1.84 -2.22 3.31
C ARG A 46 0.61 -2.65 2.52
N ARG A 47 0.05 -1.73 1.71
CA ARG A 47 -1.13 -2.05 0.90
C ARG A 47 -0.82 -3.13 -0.13
N THR A 48 0.33 -3.03 -0.81
CA THR A 48 0.76 -4.02 -1.79
C THR A 48 0.84 -5.41 -1.19
N ASN A 49 1.45 -5.52 0.00
CA ASN A 49 1.57 -6.82 0.64
C ASN A 49 0.24 -7.34 1.14
N ARG A 50 -0.68 -6.45 1.54
CA ARG A 50 -2.01 -6.91 1.96
C ARG A 50 -2.80 -7.49 0.80
N GLN A 51 -2.75 -6.83 -0.36
CA GLN A 51 -3.46 -7.35 -1.53
C GLN A 51 -2.82 -8.63 -2.07
N GLY A 52 -1.50 -8.75 -1.99
CA GLY A 52 -0.86 -10.00 -2.37
C GLY A 52 -1.23 -11.16 -1.47
N ARG A 53 -1.34 -10.90 -0.16
CA ARG A 53 -1.79 -11.92 0.77
C ARG A 53 -3.22 -12.35 0.46
N ARG A 54 -4.06 -11.39 0.05
CA ARG A 54 -5.45 -11.72 -0.33
C ARG A 54 -5.49 -12.62 -1.56
N LEU A 55 -4.63 -12.34 -2.55
CA LEU A 55 -4.58 -13.17 -3.75
C LEU A 55 -4.17 -14.61 -3.43
N THR A 56 -3.12 -14.79 -2.62
CA THR A 56 -2.66 -16.13 -2.28
C THR A 56 -3.69 -16.89 -1.43
N ARG A 57 -4.34 -16.19 -0.49
CA ARG A 57 -5.46 -16.74 0.28
C ARG A 57 -6.55 -17.28 -0.64
N ARG A 58 -7.03 -16.45 -1.57
CA ARG A 58 -8.15 -16.85 -2.40
C ARG A 58 -7.78 -17.99 -3.34
N LYS A 59 -6.52 -18.06 -3.79
CA LYS A 59 -6.09 -19.19 -4.63
C LYS A 59 -6.14 -20.51 -3.86
N LYS A 60 -5.58 -20.52 -2.64
CA LYS A 60 -5.64 -21.73 -1.81
C LYS A 60 -7.07 -22.11 -1.46
N HIS A 61 -7.94 -21.12 -1.26
CA HIS A 61 -9.33 -21.42 -0.95
C HIS A 61 -10.08 -21.94 -2.17
N ARG A 62 -9.66 -21.53 -3.38
CA ARG A 62 -10.23 -22.09 -4.60
C ARG A 62 -9.94 -23.58 -4.70
N ARG A 63 -8.71 -23.99 -4.34
CA ARG A 63 -8.40 -25.41 -4.35
C ARG A 63 -9.16 -26.19 -3.27
N VAL A 64 -9.36 -25.59 -2.09
CA VAL A 64 -10.13 -26.27 -1.05
C VAL A 64 -11.60 -26.39 -1.44
N ARG A 65 -12.14 -25.36 -2.10
CA ARG A 65 -13.52 -25.44 -2.59
C ARG A 65 -13.68 -26.50 -3.66
N LEU A 66 -12.65 -26.72 -4.49
CA LEU A 66 -12.72 -27.80 -5.47
C LEU A 66 -12.71 -29.16 -4.79
N ASN A 67 -11.91 -29.33 -3.72
CA ASN A 67 -11.95 -30.59 -2.97
C ASN A 67 -13.32 -30.84 -2.35
N ARG A 68 -13.95 -29.79 -1.82
CA ARG A 68 -15.27 -29.98 -1.21
C ARG A 68 -16.35 -30.26 -2.26
N LEU A 69 -16.21 -29.68 -3.46
CA LEU A 69 -17.14 -29.97 -4.55
C LEU A 69 -17.00 -31.41 -5.02
N PHE A 70 -15.77 -31.91 -5.10
CA PHE A 70 -15.59 -33.30 -5.53
C PHE A 70 -15.94 -34.30 -4.44
N GLU A 71 -15.95 -33.90 -3.17
CA GLU A 71 -16.33 -34.85 -2.12
C GLU A 71 -17.83 -34.85 -1.83
N GLU A 72 -18.54 -33.73 -2.02
CA GLU A 72 -19.95 -33.72 -1.70
C GLU A 72 -20.83 -34.34 -2.78
N SER A 73 -20.39 -34.33 -4.04
CA SER A 73 -21.12 -35.03 -5.10
C SER A 73 -20.84 -36.52 -5.13
N GLY A 74 -20.12 -37.06 -4.15
CA GLY A 74 -19.98 -38.49 -4.00
C GLY A 74 -19.13 -39.18 -5.03
N LEU A 75 -18.20 -38.47 -5.69
CA LEU A 75 -17.39 -39.10 -6.72
C LEU A 75 -16.22 -39.87 -6.11
N ILE A 76 -15.31 -39.17 -5.43
CA ILE A 76 -14.17 -39.83 -4.81
C ILE A 76 -14.16 -39.54 -3.32
N THR A 77 -13.23 -40.13 -2.59
CA THR A 77 -13.24 -39.99 -1.14
C THR A 77 -11.90 -39.54 -0.56
N ASP A 78 -10.78 -40.06 -1.07
CA ASP A 78 -9.47 -39.84 -0.46
C ASP A 78 -8.57 -39.11 -1.44
N PHE A 79 -7.97 -38.01 -0.98
CA PHE A 79 -7.14 -37.15 -1.81
C PHE A 79 -5.67 -37.22 -1.44
N THR A 80 -5.28 -38.23 -0.66
CA THR A 80 -3.87 -38.49 -0.37
C THR A 80 -3.35 -39.72 -1.10
N LYS A 81 -4.20 -40.40 -1.86
CA LYS A 81 -3.80 -41.55 -2.66
C LYS A 81 -3.46 -41.16 -4.09
N ILE A 82 -3.95 -40.01 -4.56
CA ILE A 82 -3.87 -39.66 -5.97
C ILE A 82 -2.44 -39.34 -6.37
N SER A 83 -2.03 -39.85 -7.52
CA SER A 83 -0.68 -39.62 -8.03
C SER A 83 -0.53 -38.18 -8.50
N ILE A 84 0.68 -37.65 -8.36
CA ILE A 84 1.02 -36.33 -8.84
C ILE A 84 2.10 -36.38 -9.93
N ASN A 85 2.31 -37.54 -10.52
CA ASN A 85 3.37 -37.70 -11.52
C ASN A 85 2.79 -38.03 -12.89
N LEU A 86 1.72 -37.34 -13.27
CA LEU A 86 1.14 -37.42 -14.59
C LEU A 86 1.33 -36.10 -15.33
N ASN A 87 0.95 -36.09 -16.60
CA ASN A 87 0.88 -34.85 -17.34
C ASN A 87 -0.58 -34.47 -17.49
N PRO A 88 -1.00 -33.32 -16.98
CA PRO A 88 -2.41 -32.95 -17.05
C PRO A 88 -2.83 -32.44 -18.43
N TYR A 89 -1.92 -31.80 -19.16
CA TYR A 89 -2.23 -31.26 -20.48
C TYR A 89 -2.66 -32.36 -21.44
N GLN A 90 -1.89 -33.45 -21.48
CA GLN A 90 -2.26 -34.63 -22.25
C GLN A 90 -3.61 -35.19 -21.80
N LEU A 91 -3.88 -35.19 -20.49
CA LEU A 91 -5.18 -35.63 -19.98
C LEU A 91 -6.32 -34.74 -20.45
N ARG A 92 -6.09 -33.43 -20.53
CA ARG A 92 -7.11 -32.51 -21.03
C ARG A 92 -7.39 -32.71 -22.51
N VAL A 93 -6.34 -32.93 -23.30
CA VAL A 93 -6.51 -33.19 -24.72
C VAL A 93 -7.19 -34.53 -24.94
N LYS A 94 -6.89 -35.53 -24.11
CA LYS A 94 -7.63 -36.79 -24.18
C LYS A 94 -9.06 -36.62 -23.66
N GLY A 95 -9.29 -35.65 -22.78
CA GLY A 95 -10.62 -35.38 -22.27
C GLY A 95 -11.52 -34.70 -23.28
N LEU A 96 -10.92 -34.11 -24.32
CA LEU A 96 -11.76 -33.63 -25.41
C LEU A 96 -12.37 -34.78 -26.20
N THR A 97 -11.68 -35.93 -26.25
CA THR A 97 -12.00 -37.00 -27.19
C THR A 97 -12.79 -38.13 -26.53
N ASP A 98 -12.24 -38.74 -25.48
CA ASP A 98 -12.77 -40.00 -24.95
C ASP A 98 -12.94 -39.96 -23.43
N GLU A 99 -13.15 -41.13 -22.82
CA GLU A 99 -13.46 -41.19 -21.41
C GLU A 99 -12.20 -41.17 -20.55
N LEU A 100 -12.26 -40.41 -19.46
CA LEU A 100 -11.31 -40.47 -18.37
C LEU A 100 -12.03 -40.98 -17.12
N SER A 101 -11.25 -41.50 -16.18
CA SER A 101 -11.82 -42.03 -14.94
C SER A 101 -12.13 -40.89 -13.98
N ASN A 102 -12.45 -41.22 -12.73
CA ASN A 102 -12.70 -40.17 -11.73
C ASN A 102 -11.41 -39.45 -11.35
N GLU A 103 -10.33 -40.20 -11.13
CA GLU A 103 -9.07 -39.60 -10.69
C GLU A 103 -8.45 -38.75 -11.79
N GLU A 104 -8.52 -39.22 -13.03
CA GLU A 104 -7.95 -38.47 -14.15
C GLU A 104 -8.67 -37.15 -14.37
N LEU A 105 -10.00 -37.18 -14.25
CA LEU A 105 -10.78 -35.96 -14.37
C LEU A 105 -10.52 -35.02 -13.22
N PHE A 106 -10.32 -35.57 -12.01
CA PHE A 106 -9.96 -34.77 -10.84
C PHE A 106 -8.65 -34.04 -11.06
N ILE A 107 -7.64 -34.73 -11.58
CA ILE A 107 -6.34 -34.12 -11.84
C ILE A 107 -6.45 -33.06 -12.93
N ALA A 108 -7.26 -33.32 -13.96
CA ALA A 108 -7.42 -32.36 -15.06
C ALA A 108 -8.10 -31.09 -14.59
N LEU A 109 -9.20 -31.23 -13.84
CA LEU A 109 -9.91 -30.05 -13.36
C LEU A 109 -9.12 -29.32 -12.28
N LYS A 110 -8.28 -30.04 -11.52
CA LYS A 110 -7.45 -29.38 -10.51
C LYS A 110 -6.39 -28.51 -11.15
N ASN A 111 -5.70 -29.04 -12.18
CA ASN A 111 -4.75 -28.22 -12.90
C ASN A 111 -5.44 -27.08 -13.66
N MET A 112 -6.70 -27.26 -14.03
CA MET A 112 -7.38 -26.17 -14.72
C MET A 112 -7.86 -25.08 -13.77
N VAL A 113 -8.23 -25.45 -12.54
CA VAL A 113 -8.58 -24.46 -11.52
C VAL A 113 -7.35 -23.66 -11.10
N LYS A 114 -6.20 -24.33 -10.98
CA LYS A 114 -4.96 -23.66 -10.57
C LYS A 114 -4.53 -22.57 -11.54
N HIS A 115 -4.88 -22.70 -12.82
CA HIS A 115 -4.45 -21.76 -13.85
C HIS A 115 -5.67 -21.38 -14.70
N ARG A 116 -6.38 -20.36 -14.27
CA ARG A 116 -7.29 -19.61 -15.14
C ARG A 116 -6.56 -18.38 -15.62
N GLY A 117 -7.17 -17.64 -16.54
CA GLY A 117 -6.49 -16.57 -17.23
C GLY A 117 -7.04 -15.20 -16.90
N ILE A 118 -6.56 -14.22 -17.66
CA ILE A 118 -7.00 -12.84 -17.50
C ILE A 118 -8.46 -12.70 -17.93
N SER A 119 -9.13 -11.69 -17.36
CA SER A 119 -10.56 -11.54 -17.59
C SER A 119 -10.96 -10.08 -17.79
N TYR A 120 -10.01 -9.20 -18.09
CA TYR A 120 -10.36 -7.79 -18.26
C TYR A 120 -10.83 -7.47 -19.66
N LEU A 121 -10.86 -8.44 -20.57
CA LEU A 121 -11.31 -8.17 -21.93
C LEU A 121 -12.83 -8.21 -22.01
N ASP A 122 -13.40 -9.39 -21.81
CA ASP A 122 -14.83 -9.70 -21.93
C ASP A 122 -15.49 -9.16 -23.21
N GLY A 133 1.13 -2.44 -24.15
CA GLY A 133 1.15 -2.54 -25.59
C GLY A 133 1.90 -3.76 -26.08
N ASP A 134 3.16 -3.89 -25.65
CA ASP A 134 3.98 -5.03 -26.04
C ASP A 134 3.55 -6.31 -25.33
N TYR A 135 2.77 -6.20 -24.26
CA TYR A 135 2.15 -7.36 -23.63
C TYR A 135 0.82 -7.71 -24.29
N ALA A 136 0.09 -6.71 -24.79
CA ALA A 136 -1.22 -6.98 -25.39
C ALA A 136 -1.08 -7.64 -26.76
N GLN A 137 0.02 -7.35 -27.47
CA GLN A 137 0.27 -7.97 -28.77
C GLN A 137 0.40 -9.48 -28.66
N ILE A 138 1.08 -9.97 -27.62
CA ILE A 138 1.36 -11.40 -27.55
C ILE A 138 0.16 -12.17 -27.02
N VAL A 139 -0.64 -11.59 -26.12
CA VAL A 139 -1.86 -12.27 -25.71
C VAL A 139 -2.89 -12.20 -26.84
N LYS A 140 -2.82 -11.16 -27.69
CA LYS A 140 -3.63 -11.15 -28.89
C LYS A 140 -3.18 -12.21 -29.89
N GLU A 141 -1.87 -12.50 -29.96
CA GLU A 141 -1.39 -13.58 -30.80
C GLU A 141 -1.87 -14.93 -30.30
N ASN A 142 -1.89 -15.13 -28.98
CA ASN A 142 -2.43 -16.37 -28.43
C ASN A 142 -3.94 -16.48 -28.67
N SER A 143 -4.64 -15.35 -28.67
CA SER A 143 -6.07 -15.37 -28.96
C SER A 143 -6.33 -15.67 -30.44
N LYS A 144 -5.48 -15.16 -31.34
CA LYS A 144 -5.67 -15.43 -32.76
C LYS A 144 -5.30 -16.86 -33.12
N GLN A 145 -4.29 -17.43 -32.46
CA GLN A 145 -4.03 -18.86 -32.63
C GLN A 145 -5.11 -19.71 -31.97
N LEU A 146 -5.84 -19.15 -31.00
CA LEU A 146 -6.80 -19.91 -30.20
C LEU A 146 -8.09 -20.23 -30.96
N GLU A 147 -8.35 -19.60 -32.10
CA GLU A 147 -9.68 -19.72 -32.72
C GLU A 147 -9.92 -21.12 -33.28
N THR A 148 -8.88 -21.74 -33.84
CA THR A 148 -9.05 -23.10 -34.34
C THR A 148 -8.90 -24.16 -33.25
N LYS A 149 -8.04 -23.94 -32.24
CA LYS A 149 -7.70 -24.99 -31.30
C LYS A 149 -7.75 -24.48 -29.86
N THR A 150 -8.18 -25.37 -28.96
CA THR A 150 -8.27 -25.08 -27.54
C THR A 150 -6.87 -24.86 -26.92
N PRO A 151 -6.76 -23.97 -25.92
CA PRO A 151 -5.45 -23.71 -25.29
C PRO A 151 -4.74 -24.90 -24.68
N GLY A 152 -5.46 -25.95 -24.27
CA GLY A 152 -4.80 -27.17 -23.83
C GLY A 152 -3.95 -27.78 -24.93
N GLN A 153 -4.43 -27.73 -26.17
CA GLN A 153 -3.65 -28.18 -27.31
C GLN A 153 -2.47 -27.26 -27.58
N ILE A 154 -2.63 -25.95 -27.36
CA ILE A 154 -1.52 -25.01 -27.53
C ILE A 154 -0.39 -25.35 -26.57
N GLN A 155 -0.73 -25.52 -25.28
CA GLN A 155 0.26 -25.84 -24.27
C GLN A 155 0.90 -27.20 -24.51
N LEU A 156 0.08 -28.21 -24.86
CA LEU A 156 0.61 -29.55 -25.12
C LEU A 156 1.57 -29.57 -26.31
N GLU A 157 1.19 -28.93 -27.42
CA GLU A 157 2.07 -28.87 -28.59
C GLU A 157 3.35 -28.11 -28.28
N ARG A 158 3.26 -27.00 -27.53
CA ARG A 158 4.45 -26.27 -27.10
C ARG A 158 5.36 -27.14 -26.23
N TYR A 159 4.77 -28.04 -25.44
CA TYR A 159 5.54 -29.00 -24.65
C TYR A 159 6.23 -30.01 -25.56
N GLN A 160 5.45 -30.73 -26.38
CA GLN A 160 5.99 -31.81 -27.18
C GLN A 160 6.98 -31.33 -28.23
N THR A 161 6.94 -30.06 -28.62
CA THR A 161 7.89 -29.57 -29.61
C THR A 161 9.08 -28.84 -29.00
N TYR A 162 8.94 -28.18 -27.85
CA TYR A 162 10.05 -27.42 -27.30
C TYR A 162 10.46 -27.82 -25.89
N GLY A 163 9.71 -28.68 -25.21
CA GLY A 163 10.12 -29.20 -23.92
C GLY A 163 9.90 -28.28 -22.74
N GLN A 164 9.31 -27.11 -22.95
CA GLN A 164 9.27 -26.05 -21.95
C GLN A 164 8.05 -25.18 -22.24
N LEU A 165 7.20 -24.97 -21.23
CA LEU A 165 5.96 -24.26 -21.50
C LEU A 165 5.66 -23.15 -20.50
N ARG A 166 6.20 -23.25 -19.28
CA ARG A 166 5.79 -22.37 -18.18
C ARG A 166 6.62 -21.09 -18.19
N GLY A 167 5.94 -19.96 -18.10
CA GLY A 167 6.60 -18.67 -18.10
C GLY A 167 6.90 -18.17 -19.49
N ASP A 168 7.41 -16.96 -19.55
CA ASP A 168 7.81 -16.37 -20.82
C ASP A 168 9.20 -16.88 -21.21
N PHE A 169 9.33 -17.36 -22.44
CA PHE A 169 10.62 -17.83 -22.92
C PHE A 169 10.79 -17.48 -24.39
N THR A 170 12.03 -17.45 -24.85
CA THR A 170 12.34 -17.17 -26.25
C THR A 170 12.72 -18.47 -26.94
N VAL A 171 12.02 -18.81 -28.02
CA VAL A 171 12.19 -20.09 -28.70
C VAL A 171 12.83 -19.88 -30.06
N GLU A 172 13.90 -20.64 -30.32
CA GLU A 172 14.63 -20.53 -31.59
C GLU A 172 13.78 -21.03 -32.75
N LYS A 173 13.49 -20.15 -33.69
CA LYS A 173 12.89 -20.57 -34.95
C LYS A 173 14.00 -20.64 -36.01
N ASP A 174 13.62 -20.90 -37.26
CA ASP A 174 14.61 -21.15 -38.31
C ASP A 174 15.27 -19.87 -38.81
N GLY A 175 14.53 -18.76 -38.86
CA GLY A 175 15.08 -17.52 -39.33
C GLY A 175 15.14 -16.45 -38.27
N LYS A 176 14.18 -16.48 -37.35
CA LYS A 176 14.06 -15.46 -36.31
C LYS A 176 13.76 -16.20 -35.01
N LYS A 177 13.27 -15.47 -34.02
CA LYS A 177 12.72 -16.10 -32.83
C LYS A 177 11.49 -15.33 -32.36
N HIS A 178 10.80 -15.88 -31.37
CA HIS A 178 9.72 -15.17 -30.72
C HIS A 178 9.66 -15.56 -29.25
N ARG A 179 8.92 -14.76 -28.49
CA ARG A 179 8.72 -14.96 -27.06
C ARG A 179 7.32 -15.48 -26.81
N LEU A 180 7.23 -16.58 -26.07
CA LEU A 180 5.98 -17.26 -25.76
C LEU A 180 5.64 -17.08 -24.28
N ILE A 181 4.39 -16.70 -24.01
CA ILE A 181 3.86 -16.47 -22.67
C ILE A 181 2.72 -17.46 -22.45
N ASN A 182 2.41 -17.74 -21.19
CA ASN A 182 1.41 -18.73 -20.82
C ASN A 182 0.05 -18.10 -20.53
N VAL A 183 -0.16 -16.85 -20.94
CA VAL A 183 -1.39 -16.12 -20.63
C VAL A 183 -2.43 -16.29 -21.75
N PHE A 184 -3.63 -16.72 -21.38
CA PHE A 184 -4.76 -16.90 -22.28
C PHE A 184 -6.00 -16.29 -21.64
N PRO A 185 -6.98 -15.88 -22.45
CA PRO A 185 -8.24 -15.37 -21.88
C PRO A 185 -9.02 -16.47 -21.19
N THR A 186 -9.76 -16.10 -20.15
CA THR A 186 -10.50 -17.10 -19.37
C THR A 186 -11.74 -17.63 -20.06
N SER A 187 -12.23 -16.98 -21.11
CA SER A 187 -13.32 -17.57 -21.88
C SER A 187 -12.87 -18.77 -22.66
N ALA A 188 -11.58 -18.83 -23.01
CA ALA A 188 -10.99 -20.04 -23.58
C ALA A 188 -11.06 -21.20 -22.60
N TYR A 189 -10.67 -20.94 -21.35
CA TYR A 189 -10.75 -21.98 -20.32
C TYR A 189 -12.18 -22.38 -20.04
N ARG A 190 -13.12 -21.43 -20.17
CA ARG A 190 -14.53 -21.74 -19.96
C ARG A 190 -15.06 -22.66 -21.05
N SER A 191 -14.74 -22.35 -22.31
CA SER A 191 -15.18 -23.19 -23.43
C SER A 191 -14.53 -24.57 -23.38
N GLU A 192 -13.24 -24.61 -23.03
CA GLU A 192 -12.53 -25.88 -22.96
C GLU A 192 -13.07 -26.78 -21.85
N ALA A 193 -13.32 -26.21 -20.66
CA ALA A 193 -13.89 -26.98 -19.58
C ALA A 193 -15.32 -27.41 -19.89
N LEU A 194 -16.06 -26.59 -20.66
CA LEU A 194 -17.41 -26.95 -21.04
C LEU A 194 -17.43 -28.14 -22.01
N ARG A 195 -16.52 -28.14 -22.99
CA ARG A 195 -16.45 -29.27 -23.93
C ARG A 195 -15.99 -30.55 -23.24
N ILE A 196 -15.01 -30.44 -22.32
CA ILE A 196 -14.52 -31.59 -21.57
C ILE A 196 -15.63 -32.18 -20.72
N LEU A 197 -16.36 -31.32 -19.99
CA LEU A 197 -17.41 -31.81 -19.11
C LEU A 197 -18.61 -32.34 -19.88
N GLN A 198 -18.86 -31.82 -21.09
CA GLN A 198 -19.97 -32.36 -21.88
C GLN A 198 -19.63 -33.75 -22.42
N THR A 199 -18.38 -33.95 -22.85
CA THR A 199 -17.98 -35.29 -23.29
C THR A 199 -18.00 -36.29 -22.13
N GLN A 200 -17.51 -35.87 -20.96
CA GLN A 200 -17.57 -36.78 -19.82
C GLN A 200 -19.00 -36.98 -19.31
N GLN A 201 -19.92 -36.06 -19.57
CA GLN A 201 -21.30 -36.30 -19.22
C GLN A 201 -21.95 -37.26 -20.20
N GLU A 202 -21.50 -37.27 -21.46
CA GLU A 202 -21.91 -38.33 -22.37
C GLU A 202 -21.43 -39.69 -21.88
N PHE A 203 -20.20 -39.75 -21.33
CA PHE A 203 -19.69 -41.05 -20.90
C PHE A 203 -20.04 -41.40 -19.44
N ASN A 204 -19.86 -40.47 -18.49
CA ASN A 204 -20.08 -40.76 -17.07
C ASN A 204 -21.38 -40.14 -16.58
N PRO A 205 -22.21 -40.89 -15.86
CA PRO A 205 -23.51 -40.35 -15.42
C PRO A 205 -23.46 -39.55 -14.13
N GLN A 206 -22.39 -39.67 -13.33
CA GLN A 206 -22.37 -39.05 -12.00
C GLN A 206 -22.18 -37.53 -12.06
N ILE A 207 -21.75 -36.99 -13.20
CA ILE A 207 -21.68 -35.55 -13.39
C ILE A 207 -23.06 -35.01 -13.69
N THR A 208 -23.56 -34.14 -12.82
CA THR A 208 -24.85 -33.50 -12.98
C THR A 208 -24.63 -32.11 -13.58
N ASP A 209 -25.72 -31.45 -14.00
CA ASP A 209 -25.58 -30.12 -14.55
C ASP A 209 -25.29 -29.07 -13.49
N GLU A 210 -25.74 -29.31 -12.25
CA GLU A 210 -25.35 -28.45 -11.14
C GLU A 210 -23.87 -28.58 -10.83
N PHE A 211 -23.27 -29.74 -11.13
CA PHE A 211 -21.83 -29.92 -10.96
C PHE A 211 -21.06 -29.02 -11.89
N ILE A 212 -21.44 -28.97 -13.17
CA ILE A 212 -20.70 -28.11 -14.09
C ILE A 212 -21.04 -26.64 -13.83
N ASN A 213 -22.22 -26.36 -13.28
CA ASN A 213 -22.57 -24.99 -12.90
C ASN A 213 -21.68 -24.49 -11.76
N ARG A 214 -21.56 -25.28 -10.70
CA ARG A 214 -20.70 -24.89 -9.59
C ARG A 214 -19.22 -24.92 -9.97
N TYR A 215 -18.83 -25.82 -10.88
CA TYR A 215 -17.43 -25.85 -11.30
C TYR A 215 -17.07 -24.64 -12.14
N LEU A 216 -17.96 -24.23 -13.04
CA LEU A 216 -17.68 -23.03 -13.81
C LEU A 216 -17.88 -21.77 -13.00
N GLU A 217 -18.58 -21.86 -11.86
CA GLU A 217 -18.57 -20.77 -10.90
C GLU A 217 -17.24 -20.66 -10.20
N ILE A 218 -16.65 -21.79 -9.80
CA ILE A 218 -15.35 -21.77 -9.13
C ILE A 218 -14.25 -21.35 -10.10
N LEU A 219 -14.31 -21.82 -11.34
CA LEU A 219 -13.23 -21.57 -12.29
C LEU A 219 -13.26 -20.12 -12.81
N THR A 220 -14.42 -19.49 -12.87
CA THR A 220 -14.54 -18.11 -13.33
C THR A 220 -15.30 -17.27 -12.32
N GLY A 221 -14.89 -17.34 -11.06
CA GLY A 221 -15.50 -16.50 -10.05
C GLY A 221 -14.54 -15.47 -9.49
N LYS A 222 -14.71 -14.22 -9.92
CA LYS A 222 -13.98 -13.09 -9.36
C LYS A 222 -14.96 -12.14 -8.71
N ARG A 223 -14.58 -11.61 -7.55
CA ARG A 223 -15.41 -10.60 -6.91
C ARG A 223 -15.31 -9.30 -7.68
N LYS A 224 -16.39 -8.53 -7.67
CA LYS A 224 -16.41 -7.26 -8.36
C LYS A 224 -15.56 -6.25 -7.60
N TYR A 225 -15.10 -5.23 -8.32
CA TYR A 225 -14.17 -4.27 -7.74
C TYR A 225 -14.82 -3.32 -6.74
N TYR A 226 -16.15 -3.34 -6.62
CA TYR A 226 -16.86 -2.55 -5.62
C TYR A 226 -17.47 -3.42 -4.54
N HIS A 227 -17.08 -4.69 -4.45
CA HIS A 227 -17.57 -5.56 -3.40
C HIS A 227 -16.62 -5.61 -2.21
N GLY A 228 -15.32 -5.66 -2.47
CA GLY A 228 -14.34 -5.71 -1.42
C GLY A 228 -14.29 -7.07 -0.75
N PRO A 229 -13.48 -7.20 0.28
CA PRO A 229 -13.48 -8.45 1.05
C PRO A 229 -14.62 -8.52 2.03
N GLY A 230 -15.06 -9.74 2.31
CA GLY A 230 -16.04 -9.95 3.34
C GLY A 230 -17.04 -11.03 3.01
N ASN A 231 -18.01 -11.18 3.90
CA ASN A 231 -19.07 -12.16 3.80
C ASN A 231 -20.18 -11.67 4.73
N GLU A 232 -21.31 -12.39 4.76
CA GLU A 232 -22.37 -12.06 5.70
C GLU A 232 -21.93 -12.27 7.14
N LYS A 233 -21.05 -13.24 7.37
CA LYS A 233 -20.61 -13.60 8.71
C LYS A 233 -19.17 -13.18 8.97
N SER A 234 -18.57 -12.39 8.09
CA SER A 234 -17.16 -12.03 8.22
C SER A 234 -16.97 -10.68 8.89
N ARG A 235 -17.59 -9.62 8.35
CA ARG A 235 -17.69 -8.30 8.97
C ARG A 235 -16.33 -7.63 9.14
N THR A 236 -15.55 -7.60 8.06
CA THR A 236 -14.37 -6.75 8.04
C THR A 236 -14.76 -5.32 7.70
N ASP A 237 -13.91 -4.37 8.07
CA ASP A 237 -14.16 -2.97 7.76
C ASP A 237 -13.49 -2.52 6.48
N TYR A 238 -13.35 -3.42 5.52
CA TYR A 238 -12.75 -3.08 4.24
C TYR A 238 -13.72 -3.20 3.07
N GLY A 239 -14.79 -3.96 3.23
CA GLY A 239 -15.70 -4.21 2.13
C GLY A 239 -17.09 -3.66 2.39
N ARG A 240 -18.10 -4.23 1.74
CA ARG A 240 -19.44 -3.67 1.85
C ARG A 240 -20.15 -4.13 3.11
N TYR A 241 -19.90 -5.36 3.54
CA TYR A 241 -20.32 -5.77 4.87
C TYR A 241 -19.47 -5.04 5.89
N ARG A 242 -20.07 -4.53 6.95
CA ARG A 242 -19.37 -3.66 7.88
C ARG A 242 -19.53 -4.15 9.30
N THR A 243 -18.66 -3.65 10.18
CA THR A 243 -18.64 -4.08 11.58
C THR A 243 -19.86 -3.58 12.34
N SER A 244 -20.29 -2.35 12.06
CA SER A 244 -21.44 -1.77 12.74
C SER A 244 -22.74 -2.48 12.42
N GLY A 245 -22.83 -3.15 11.27
CA GLY A 245 -23.99 -3.97 10.95
C GLY A 245 -24.75 -3.56 9.71
N GLU A 246 -24.34 -2.51 9.01
CA GLU A 246 -25.04 -2.07 7.81
C GLU A 246 -24.24 -2.45 6.58
N THR A 247 -24.90 -3.10 5.62
CA THR A 247 -24.28 -3.51 4.37
C THR A 247 -24.47 -2.41 3.33
N LEU A 248 -23.38 -2.01 2.69
CA LEU A 248 -23.39 -0.77 1.91
C LEU A 248 -23.97 -0.96 0.51
N ASP A 249 -23.67 -2.10 -0.12
CA ASP A 249 -23.95 -2.54 -1.50
C ASP A 249 -23.08 -1.78 -2.52
N ASN A 250 -22.29 -0.80 -2.09
CA ASN A 250 -21.23 -0.20 -2.89
C ASN A 250 -20.34 0.57 -1.94
N ILE A 251 -19.04 0.30 -1.97
CA ILE A 251 -18.18 0.87 -0.95
C ILE A 251 -17.78 2.29 -1.30
N PHE A 252 -17.72 2.61 -2.59
CA PHE A 252 -17.39 3.96 -3.03
C PHE A 252 -18.51 4.97 -2.78
N GLY A 253 -19.72 4.51 -2.45
CA GLY A 253 -20.80 5.44 -2.14
C GLY A 253 -20.68 6.10 -0.78
N ILE A 254 -20.00 5.47 0.16
CA ILE A 254 -19.79 6.09 1.46
C ILE A 254 -18.62 7.07 1.42
N LEU A 255 -17.77 7.00 0.41
CA LEU A 255 -16.65 7.93 0.25
C LEU A 255 -17.02 9.21 -0.48
N ILE A 256 -18.30 9.46 -0.76
CA ILE A 256 -18.67 10.65 -1.50
C ILE A 256 -18.65 11.84 -0.55
N GLY A 257 -18.11 12.96 -1.02
CA GLY A 257 -17.94 14.12 -0.18
C GLY A 257 -19.27 14.78 0.17
N LYS A 258 -19.18 15.73 1.09
CA LYS A 258 -20.35 16.34 1.68
C LYS A 258 -20.60 17.69 1.02
N CYS A 259 -21.69 18.34 1.44
CA CYS A 259 -22.04 19.65 0.91
C CYS A 259 -21.08 20.72 1.44
N THR A 260 -21.27 21.95 0.98
CA THR A 260 -20.43 23.06 1.44
C THR A 260 -21.17 23.99 2.39
N PHE A 261 -22.47 23.80 2.58
CA PHE A 261 -23.23 24.60 3.53
C PHE A 261 -24.19 23.79 4.38
N TYR A 262 -24.41 22.52 4.08
CA TYR A 262 -25.15 21.60 4.96
C TYR A 262 -24.28 20.37 5.17
N PRO A 263 -23.34 20.38 6.13
CA PRO A 263 -22.40 19.28 6.30
C PRO A 263 -22.97 18.02 6.95
N ASP A 264 -24.15 17.60 6.50
CA ASP A 264 -24.75 16.34 6.89
C ASP A 264 -25.34 15.60 5.71
N GLU A 265 -25.24 16.16 4.50
CA GLU A 265 -25.85 15.59 3.30
C GLU A 265 -24.77 15.36 2.26
N PHE A 266 -24.93 14.30 1.49
CA PHE A 266 -23.99 14.02 0.42
C PHE A 266 -24.23 14.96 -0.75
N ARG A 267 -23.35 14.89 -1.74
CA ARG A 267 -23.51 15.75 -2.89
C ARG A 267 -24.59 15.20 -3.82
N ALA A 268 -24.99 16.02 -4.77
CA ALA A 268 -25.93 15.60 -5.79
C ALA A 268 -25.18 15.15 -7.03
N ALA A 269 -25.77 14.19 -7.74
CA ALA A 269 -25.18 13.71 -8.97
C ALA A 269 -25.22 14.82 -10.01
N LYS A 270 -24.17 14.91 -10.83
CA LYS A 270 -24.07 16.01 -11.77
C LYS A 270 -25.00 15.85 -12.97
N ALA A 271 -25.57 14.67 -13.17
CA ALA A 271 -26.48 14.39 -14.26
C ALA A 271 -27.90 14.18 -13.77
N SER A 272 -28.30 14.92 -12.73
CA SER A 272 -29.64 14.82 -12.19
C SER A 272 -30.55 15.82 -12.90
N TYR A 273 -31.73 16.10 -12.33
CA TYR A 273 -32.57 17.15 -12.88
C TYR A 273 -32.29 18.50 -12.23
N THR A 274 -32.17 18.54 -10.91
CA THR A 274 -32.02 19.82 -10.21
C THR A 274 -30.67 20.45 -10.45
N ALA A 275 -29.64 19.63 -10.73
CA ALA A 275 -28.32 20.16 -11.01
C ALA A 275 -28.29 20.86 -12.36
N GLN A 276 -28.94 20.27 -13.37
CA GLN A 276 -28.95 20.91 -14.69
C GLN A 276 -29.85 22.13 -14.70
N GLU A 277 -30.94 22.11 -13.94
CA GLU A 277 -31.80 23.27 -13.77
C GLU A 277 -31.05 24.42 -13.11
N PHE A 278 -30.35 24.12 -12.01
CA PHE A 278 -29.58 25.15 -11.30
C PHE A 278 -28.44 25.68 -12.16
N ASN A 279 -27.82 24.82 -12.96
CA ASN A 279 -26.69 25.25 -13.77
C ASN A 279 -27.14 26.12 -14.93
N LEU A 280 -28.25 25.75 -15.59
CA LEU A 280 -28.75 26.60 -16.67
C LEU A 280 -29.31 27.91 -16.14
N LEU A 281 -29.95 27.88 -14.96
CA LEU A 281 -30.52 29.11 -14.43
C LEU A 281 -29.45 30.06 -13.94
N ASN A 282 -28.34 29.54 -13.41
CA ASN A 282 -27.23 30.42 -13.07
C ASN A 282 -26.50 30.88 -14.31
N ASP A 283 -26.51 30.06 -15.38
CA ASP A 283 -25.77 30.43 -16.58
C ASP A 283 -26.51 31.50 -17.36
N LEU A 284 -27.84 31.51 -17.32
CA LEU A 284 -28.58 32.57 -17.98
C LEU A 284 -28.79 33.77 -17.07
N ASN A 285 -28.66 33.62 -15.75
CA ASN A 285 -28.62 34.79 -14.88
C ASN A 285 -27.29 35.53 -15.06
N ASN A 286 -26.24 34.79 -15.40
CA ASN A 286 -24.93 35.41 -15.60
C ASN A 286 -24.92 36.36 -16.79
N LEU A 287 -25.62 36.01 -17.86
CA LEU A 287 -25.63 36.78 -19.10
C LEU A 287 -26.16 38.20 -18.90
N THR A 288 -25.54 39.14 -19.59
CA THR A 288 -25.95 40.55 -19.59
C THR A 288 -26.61 40.86 -20.93
N VAL A 289 -27.84 41.37 -20.86
CA VAL A 289 -28.64 41.69 -22.04
C VAL A 289 -27.97 42.75 -22.94
N LEU A 296 -33.04 39.51 -18.12
CA LEU A 296 -34.13 38.61 -18.48
C LEU A 296 -35.15 38.51 -17.35
N SER A 297 -36.36 38.07 -17.67
CA SER A 297 -37.48 38.07 -16.75
C SER A 297 -37.91 36.64 -16.43
N LYS A 298 -38.86 36.53 -15.51
CA LYS A 298 -39.32 35.22 -15.02
C LYS A 298 -40.02 34.42 -16.11
N GLU A 299 -40.83 35.10 -16.93
CA GLU A 299 -41.54 34.42 -18.00
C GLU A 299 -40.58 33.93 -19.07
N GLN A 300 -39.55 34.72 -19.37
CA GLN A 300 -38.55 34.30 -20.33
C GLN A 300 -37.69 33.16 -19.80
N LYS A 301 -37.44 33.11 -18.49
CA LYS A 301 -36.77 31.96 -17.89
C LYS A 301 -37.61 30.70 -18.06
N ASN A 302 -38.91 30.78 -17.75
CA ASN A 302 -39.78 29.62 -17.88
C ASN A 302 -39.90 29.16 -19.32
N GLN A 303 -39.98 30.11 -20.26
CA GLN A 303 -40.09 29.77 -21.68
C GLN A 303 -38.80 29.16 -22.21
N ILE A 304 -37.64 29.71 -21.82
CA ILE A 304 -36.36 29.17 -22.29
C ILE A 304 -36.11 27.80 -21.70
N ILE A 305 -36.48 27.59 -20.43
CA ILE A 305 -36.32 26.27 -19.81
C ILE A 305 -37.22 25.23 -20.49
N ASN A 306 -38.45 25.62 -20.85
CA ASN A 306 -39.31 24.70 -21.60
C ASN A 306 -38.77 24.42 -23.00
N TYR A 307 -38.12 25.41 -23.62
CA TYR A 307 -37.59 25.19 -24.97
C TYR A 307 -36.37 24.28 -24.96
N VAL A 308 -35.49 24.41 -23.96
CA VAL A 308 -34.36 23.48 -23.86
C VAL A 308 -34.85 22.10 -23.44
N LYS A 309 -35.91 22.04 -22.63
CA LYS A 309 -36.43 20.77 -22.17
C LYS A 309 -37.07 19.98 -23.31
N ASN A 310 -37.74 20.65 -24.25
CA ASN A 310 -38.53 19.93 -25.23
C ASN A 310 -37.94 19.85 -26.64
N GLU A 311 -37.07 20.78 -27.03
CA GLU A 311 -36.45 20.70 -28.35
C GLU A 311 -35.33 19.66 -28.34
N LYS A 312 -35.14 19.00 -29.48
CA LYS A 312 -34.19 17.91 -29.59
C LYS A 312 -33.07 18.29 -30.55
N ALA A 313 -31.85 17.80 -30.24
CA ALA A 313 -30.64 17.93 -31.05
C ALA A 313 -30.28 19.40 -31.30
N MET A 314 -29.97 20.09 -30.21
CA MET A 314 -29.47 21.45 -30.27
C MET A 314 -28.08 21.53 -29.64
N GLY A 315 -27.36 22.60 -29.99
CA GLY A 315 -26.09 22.89 -29.38
C GLY A 315 -26.13 24.20 -28.63
N PRO A 316 -24.98 24.83 -28.44
CA PRO A 316 -24.97 26.17 -27.83
C PRO A 316 -25.48 27.26 -28.76
N ALA A 317 -25.09 27.20 -30.04
CA ALA A 317 -25.41 28.28 -30.97
C ALA A 317 -26.90 28.33 -31.30
N LYS A 318 -27.57 27.17 -31.28
CA LYS A 318 -29.01 27.15 -31.53
C LYS A 318 -29.78 27.82 -30.39
N LEU A 319 -29.36 27.55 -29.15
CA LEU A 319 -29.98 28.21 -28.01
C LEU A 319 -29.65 29.69 -27.97
N PHE A 320 -28.44 30.07 -28.40
CA PHE A 320 -28.11 31.49 -28.47
C PHE A 320 -28.90 32.21 -29.55
N LYS A 321 -29.18 31.53 -30.67
CA LYS A 321 -30.05 32.12 -31.69
C LYS A 321 -31.48 32.24 -31.20
N TYR A 322 -31.94 31.28 -30.38
CA TYR A 322 -33.29 31.41 -29.81
C TYR A 322 -33.36 32.54 -28.79
N ILE A 323 -32.28 32.76 -28.03
CA ILE A 323 -32.22 33.90 -27.12
C ILE A 323 -32.20 35.21 -27.91
N ALA A 324 -31.47 35.24 -29.02
CA ALA A 324 -31.43 36.43 -29.86
C ALA A 324 -32.77 36.68 -30.56
N LYS A 325 -33.55 35.62 -30.79
CA LYS A 325 -34.90 35.79 -31.31
C LYS A 325 -35.84 36.32 -30.23
N LEU A 326 -35.70 35.84 -28.99
CA LEU A 326 -36.57 36.32 -27.94
C LEU A 326 -36.20 37.72 -27.47
N LEU A 327 -34.98 38.17 -27.74
CA LEU A 327 -34.56 39.52 -27.41
C LEU A 327 -34.60 40.46 -28.61
N SER A 328 -34.72 39.90 -29.83
CA SER A 328 -34.79 40.65 -31.10
C SER A 328 -33.55 41.53 -31.31
N CYS A 329 -32.39 41.02 -30.90
CA CYS A 329 -31.13 41.75 -30.99
C CYS A 329 -30.03 40.81 -31.45
N ASP A 330 -29.02 41.38 -32.11
CA ASP A 330 -27.93 40.57 -32.64
C ASP A 330 -26.99 40.13 -31.52
N VAL A 331 -26.15 39.14 -31.83
CA VAL A 331 -25.15 38.70 -30.86
C VAL A 331 -24.03 39.73 -30.85
N ALA A 332 -24.13 40.66 -29.90
CA ALA A 332 -23.27 41.83 -29.84
C ALA A 332 -23.43 42.44 -28.45
N ASP A 333 -22.30 42.71 -27.79
CA ASP A 333 -22.23 43.25 -26.43
C ASP A 333 -22.97 42.38 -25.42
N ILE A 334 -23.00 41.07 -25.67
CA ILE A 334 -23.64 40.11 -24.77
C ILE A 334 -22.52 39.53 -23.92
N LYS A 335 -22.35 40.07 -22.73
CA LYS A 335 -21.34 39.57 -21.80
C LYS A 335 -21.90 38.40 -21.01
N GLY A 336 -21.02 37.73 -20.28
CA GLY A 336 -21.42 36.65 -19.41
C GLY A 336 -21.47 35.28 -20.05
N TYR A 337 -21.10 35.15 -21.32
CA TYR A 337 -21.07 33.84 -21.95
C TYR A 337 -19.77 33.14 -21.58
N ARG A 338 -19.89 31.91 -21.09
CA ARG A 338 -18.71 31.11 -20.78
C ARG A 338 -18.00 30.70 -22.07
N ILE A 339 -16.68 30.84 -22.07
CA ILE A 339 -15.85 30.60 -23.25
C ILE A 339 -14.86 29.48 -22.96
N ASP A 340 -14.81 28.51 -23.86
CA ASP A 340 -13.81 27.45 -23.80
C ASP A 340 -12.57 27.87 -24.57
N LYS A 341 -11.46 27.16 -24.31
CA LYS A 341 -10.17 27.58 -24.83
C LYS A 341 -10.13 27.47 -26.35
N SER A 342 -9.77 28.60 -27.00
CA SER A 342 -9.73 28.77 -28.45
C SER A 342 -11.04 28.33 -29.12
N GLY A 343 -12.16 28.66 -28.47
CA GLY A 343 -13.45 28.16 -28.91
C GLY A 343 -14.55 29.19 -28.72
N LYS A 344 -15.66 28.91 -29.38
CA LYS A 344 -16.84 29.75 -29.34
C LYS A 344 -17.62 29.52 -28.05
N ALA A 345 -18.67 30.32 -27.87
CA ALA A 345 -19.52 30.30 -26.69
C ALA A 345 -20.16 28.94 -26.47
N GLU A 346 -20.12 28.46 -25.22
CA GLU A 346 -20.73 27.20 -24.84
C GLU A 346 -21.43 27.39 -23.51
N ILE A 347 -22.68 26.92 -23.42
CA ILE A 347 -23.51 27.06 -22.23
C ILE A 347 -24.14 25.71 -21.91
N HIS A 348 -24.72 25.62 -20.72
CA HIS A 348 -25.29 24.37 -20.24
C HIS A 348 -26.61 24.06 -20.92
N THR A 349 -26.70 22.87 -21.51
CA THR A 349 -27.92 22.34 -22.08
C THR A 349 -28.33 21.10 -21.28
N PHE A 350 -29.59 20.71 -21.39
CA PHE A 350 -30.08 19.52 -20.69
C PHE A 350 -29.72 18.24 -21.46
N GLU A 351 -28.41 18.02 -21.62
CA GLU A 351 -27.92 16.90 -22.40
C GLU A 351 -28.28 15.55 -21.78
N ALA A 352 -28.19 15.44 -20.46
CA ALA A 352 -28.51 14.18 -19.78
C ALA A 352 -29.99 13.88 -19.85
N TYR A 353 -30.83 14.87 -19.54
CA TYR A 353 -32.29 14.72 -19.63
C TYR A 353 -32.74 14.37 -21.04
N ARG A 354 -32.19 15.03 -22.06
CA ARG A 354 -32.58 14.74 -23.43
C ARG A 354 -32.08 13.37 -23.87
N LYS A 355 -30.88 12.97 -23.45
CA LYS A 355 -30.40 11.64 -23.81
C LYS A 355 -31.14 10.54 -23.07
N MET A 356 -31.73 10.84 -21.91
CA MET A 356 -32.64 9.89 -21.30
C MET A 356 -34.04 10.01 -21.85
N LYS A 357 -34.33 11.05 -22.64
CA LYS A 357 -35.61 11.14 -23.33
C LYS A 357 -35.66 10.27 -24.58
N THR A 358 -34.50 9.90 -25.13
CA THR A 358 -34.42 9.01 -26.28
C THR A 358 -34.51 7.54 -25.90
N LEU A 359 -35.04 7.21 -24.73
CA LEU A 359 -35.43 5.83 -24.46
C LEU A 359 -36.80 5.57 -25.07
N GLU A 360 -37.18 4.29 -25.12
CA GLU A 360 -38.47 3.93 -25.68
C GLU A 360 -39.26 3.05 -24.72
N THR A 361 -38.55 2.31 -23.87
CA THR A 361 -39.22 1.42 -22.92
C THR A 361 -39.91 2.20 -21.80
N LEU A 362 -39.39 3.39 -21.47
CA LEU A 362 -40.00 4.19 -20.41
C LEU A 362 -39.84 5.68 -20.71
N ASP A 363 -40.86 6.44 -20.34
CA ASP A 363 -40.94 7.88 -20.54
C ASP A 363 -40.21 8.59 -19.40
N ILE A 364 -39.82 9.84 -19.64
CA ILE A 364 -39.13 10.62 -18.62
C ILE A 364 -39.97 11.83 -18.19
N GLU A 365 -40.79 12.36 -19.13
CA GLU A 365 -41.34 13.70 -18.96
C GLU A 365 -42.41 13.80 -17.88
N GLN A 366 -43.00 12.68 -17.45
CA GLN A 366 -44.10 12.74 -16.50
C GLN A 366 -43.84 11.97 -15.21
N MET A 367 -42.59 11.65 -14.89
CA MET A 367 -42.35 10.72 -13.79
C MET A 367 -42.40 11.40 -12.43
N ASP A 368 -41.42 12.24 -12.13
CA ASP A 368 -41.31 13.10 -10.93
C ASP A 368 -40.09 13.99 -11.12
N ARG A 369 -39.73 14.72 -10.05
CA ARG A 369 -38.38 15.23 -9.87
C ARG A 369 -37.57 14.37 -8.92
N GLU A 370 -38.22 13.72 -7.95
CA GLU A 370 -37.51 12.93 -6.95
C GLU A 370 -36.91 11.65 -7.56
N THR A 371 -37.72 10.91 -8.33
CA THR A 371 -37.24 9.64 -8.84
C THR A 371 -36.21 9.83 -9.96
N LEU A 372 -36.22 10.98 -10.63
CA LEU A 372 -35.17 11.25 -11.61
C LEU A 372 -33.84 11.51 -10.92
N ASP A 373 -33.87 12.17 -9.75
CA ASP A 373 -32.65 12.39 -9.00
C ASP A 373 -32.09 11.08 -8.44
N LYS A 374 -32.95 10.22 -7.92
CA LYS A 374 -32.48 8.94 -7.40
C LYS A 374 -32.01 8.00 -8.52
N LEU A 375 -32.69 8.04 -9.67
CA LEU A 375 -32.26 7.22 -10.81
C LEU A 375 -30.95 7.71 -11.38
N ALA A 376 -30.72 9.04 -11.38
CA ALA A 376 -29.44 9.56 -11.84
C ALA A 376 -28.33 9.24 -10.84
N TYR A 377 -28.65 9.17 -9.55
CA TYR A 377 -27.66 8.76 -8.56
C TYR A 377 -27.24 7.31 -8.77
N VAL A 378 -28.22 6.43 -9.00
CA VAL A 378 -27.95 5.02 -9.25
C VAL A 378 -27.12 4.85 -10.52
N LEU A 379 -27.51 5.54 -11.60
CA LEU A 379 -26.79 5.37 -12.86
C LEU A 379 -25.44 6.07 -12.85
N THR A 380 -25.22 7.05 -11.96
CA THR A 380 -23.91 7.68 -11.89
C THR A 380 -22.94 6.83 -11.09
N LEU A 381 -23.41 6.16 -10.04
CA LEU A 381 -22.48 5.42 -9.20
C LEU A 381 -22.03 4.12 -9.86
N ASN A 382 -22.97 3.23 -10.18
CA ASN A 382 -22.64 1.87 -10.61
C ASN A 382 -22.39 1.79 -12.11
N THR A 383 -21.46 0.93 -12.50
CA THR A 383 -21.03 0.79 -13.89
C THR A 383 -21.44 -0.52 -14.54
N GLU A 384 -21.45 -1.62 -13.80
CA GLU A 384 -21.67 -2.94 -14.38
C GLU A 384 -23.16 -3.25 -14.44
N ARG A 385 -23.49 -4.51 -14.74
CA ARG A 385 -24.88 -4.94 -14.77
C ARG A 385 -25.42 -5.19 -13.37
N GLU A 386 -24.66 -5.88 -12.54
CA GLU A 386 -25.19 -6.37 -11.27
C GLU A 386 -25.34 -5.24 -10.26
N GLY A 387 -24.40 -4.29 -10.27
CA GLY A 387 -24.51 -3.14 -9.39
C GLY A 387 -25.70 -2.27 -9.72
N ILE A 388 -25.95 -2.03 -11.01
CA ILE A 388 -27.08 -1.23 -11.45
C ILE A 388 -28.39 -1.93 -11.13
N GLN A 389 -28.47 -3.24 -11.40
CA GLN A 389 -29.70 -3.99 -11.14
C GLN A 389 -30.02 -4.07 -9.65
N GLU A 390 -29.01 -4.33 -8.82
CA GLU A 390 -29.25 -4.41 -7.38
C GLU A 390 -29.54 -3.03 -6.78
N ALA A 391 -28.94 -1.97 -7.33
CA ALA A 391 -29.24 -0.63 -6.83
C ALA A 391 -30.64 -0.20 -7.23
N LEU A 392 -31.11 -0.59 -8.41
CA LEU A 392 -32.47 -0.28 -8.81
C LEU A 392 -33.48 -1.07 -7.98
N GLU A 393 -33.15 -2.30 -7.60
CA GLU A 393 -34.10 -3.05 -6.79
C GLU A 393 -34.07 -2.67 -5.32
N HIS A 394 -32.92 -2.25 -4.79
CA HIS A 394 -32.81 -1.97 -3.37
C HIS A 394 -33.08 -0.51 -3.02
N GLU A 395 -32.73 0.42 -3.92
CA GLU A 395 -32.94 1.84 -3.63
C GLU A 395 -34.42 2.20 -3.75
N PHE A 396 -35.05 1.85 -4.86
CA PHE A 396 -36.41 2.28 -5.17
C PHE A 396 -37.40 1.46 -4.35
N ALA A 397 -37.76 2.01 -3.20
CA ALA A 397 -38.94 1.54 -2.49
C ALA A 397 -40.17 1.96 -3.28
N ASP A 398 -41.08 1.02 -3.51
CA ASP A 398 -42.30 1.19 -4.31
C ASP A 398 -42.00 1.64 -5.73
N GLY A 399 -40.85 1.24 -6.26
CA GLY A 399 -40.48 1.54 -7.63
C GLY A 399 -41.08 0.55 -8.61
N SER A 400 -40.75 -0.73 -8.43
CA SER A 400 -41.28 -1.86 -9.19
C SER A 400 -41.03 -1.70 -10.69
N PHE A 401 -39.74 -1.72 -11.05
CA PHE A 401 -39.35 -1.66 -12.44
C PHE A 401 -39.53 -3.02 -13.10
N SER A 402 -39.75 -3.00 -14.41
CA SER A 402 -39.84 -4.24 -15.18
C SER A 402 -38.47 -4.64 -15.69
N GLN A 403 -38.35 -5.89 -16.14
CA GLN A 403 -37.06 -6.46 -16.48
C GLN A 403 -36.49 -5.86 -17.75
N LYS A 404 -37.34 -5.66 -18.77
CA LYS A 404 -36.87 -5.04 -20.01
C LYS A 404 -36.51 -3.57 -19.80
N GLN A 405 -37.18 -2.88 -18.86
CA GLN A 405 -36.79 -1.53 -18.49
C GLN A 405 -35.40 -1.51 -17.87
N VAL A 406 -35.13 -2.48 -16.99
CA VAL A 406 -33.83 -2.56 -16.33
C VAL A 406 -32.73 -2.87 -17.34
N ASP A 407 -33.01 -3.81 -18.26
CA ASP A 407 -32.02 -4.18 -19.26
C ASP A 407 -31.76 -3.05 -20.26
N GLU A 408 -32.78 -2.26 -20.59
CA GLU A 408 -32.55 -1.09 -21.43
C GLU A 408 -31.81 -0.01 -20.67
N LEU A 409 -32.02 0.09 -19.35
CA LEU A 409 -31.27 1.07 -18.57
C LEU A 409 -29.79 0.71 -18.50
N VAL A 410 -29.49 -0.58 -18.34
CA VAL A 410 -28.10 -1.03 -18.32
C VAL A 410 -27.45 -0.82 -19.68
N GLN A 411 -28.17 -1.12 -20.76
CA GLN A 411 -27.61 -0.90 -22.09
C GLN A 411 -27.44 0.59 -22.40
N PHE A 412 -28.32 1.44 -21.85
CA PHE A 412 -28.19 2.87 -22.03
C PHE A 412 -26.98 3.43 -21.29
N ARG A 413 -26.75 2.94 -20.05
CA ARG A 413 -25.55 3.36 -19.32
C ARG A 413 -24.28 2.88 -20.01
N LYS A 414 -24.31 1.66 -20.56
CA LYS A 414 -23.11 1.13 -21.22
C LYS A 414 -22.85 1.83 -22.55
N ALA A 415 -23.89 2.34 -23.20
CA ALA A 415 -23.69 3.03 -24.48
C ALA A 415 -23.19 4.46 -24.27
N ASN A 416 -23.75 5.18 -23.30
CA ASN A 416 -23.37 6.56 -23.01
C ASN A 416 -22.50 6.56 -21.75
N SER A 417 -21.19 6.64 -21.92
CA SER A 417 -20.27 6.55 -20.81
C SER A 417 -19.53 7.86 -20.56
N SER A 418 -19.87 8.93 -21.26
CA SER A 418 -19.34 10.25 -20.96
C SER A 418 -20.32 11.11 -20.19
N ILE A 419 -21.62 10.97 -20.46
CA ILE A 419 -22.65 11.71 -19.75
C ILE A 419 -22.69 11.29 -18.29
N PHE A 420 -22.55 10.00 -18.02
CA PHE A 420 -22.69 9.45 -16.67
C PHE A 420 -21.35 9.16 -16.02
N GLY A 421 -20.28 9.74 -16.54
CA GLY A 421 -18.97 9.60 -15.94
C GLY A 421 -18.30 10.94 -15.76
N LYS A 422 -19.10 11.97 -15.48
CA LYS A 422 -18.56 13.31 -15.28
C LYS A 422 -18.18 13.55 -13.83
N GLY A 423 -19.01 13.11 -12.89
CA GLY A 423 -18.67 13.27 -11.48
C GLY A 423 -19.84 13.66 -10.62
N TRP A 424 -19.58 14.41 -9.56
CA TRP A 424 -20.59 14.81 -8.59
C TRP A 424 -20.55 16.32 -8.39
N HIS A 425 -21.72 16.89 -8.11
CA HIS A 425 -21.84 18.33 -7.96
C HIS A 425 -21.26 18.76 -6.62
N ASN A 426 -21.22 20.07 -6.39
CA ASN A 426 -20.72 20.54 -5.11
C ASN A 426 -21.83 20.70 -4.08
N PHE A 427 -22.90 21.42 -4.42
CA PHE A 427 -23.99 21.59 -3.47
C PHE A 427 -24.81 20.30 -3.36
N SER A 428 -25.63 20.23 -2.33
CA SER A 428 -26.52 19.08 -2.16
C SER A 428 -27.85 19.40 -2.85
N VAL A 429 -28.83 18.50 -2.69
CA VAL A 429 -30.14 18.77 -3.28
C VAL A 429 -30.93 19.74 -2.41
N LYS A 430 -30.65 19.78 -1.10
CA LYS A 430 -31.34 20.69 -0.20
C LYS A 430 -31.00 22.14 -0.52
N LEU A 431 -29.72 22.43 -0.68
CA LEU A 431 -29.29 23.81 -0.91
C LEU A 431 -29.70 24.30 -2.31
N MET A 432 -29.59 23.44 -3.32
CA MET A 432 -29.99 23.86 -4.67
C MET A 432 -31.50 23.98 -4.77
N MET A 433 -32.25 23.08 -4.11
CA MET A 433 -33.69 23.18 -4.11
C MET A 433 -34.17 24.38 -3.30
N GLU A 434 -33.36 24.83 -2.33
CA GLU A 434 -33.66 26.07 -1.64
C GLU A 434 -33.37 27.27 -2.52
N LEU A 435 -32.29 27.23 -3.30
CA LEU A 435 -31.91 28.40 -4.08
C LEU A 435 -32.78 28.58 -5.32
N ILE A 436 -33.34 27.49 -5.87
CA ILE A 436 -34.04 27.57 -7.16
C ILE A 436 -35.26 28.52 -7.16
N PRO A 437 -36.19 28.47 -6.19
CA PRO A 437 -37.29 29.45 -6.25
C PRO A 437 -36.88 30.88 -5.93
N GLU A 438 -35.69 31.11 -5.40
CA GLU A 438 -35.21 32.47 -5.17
C GLU A 438 -34.30 32.97 -6.28
N LEU A 439 -34.19 32.24 -7.39
CA LEU A 439 -33.49 32.75 -8.56
C LEU A 439 -34.36 32.73 -9.82
N TYR A 440 -35.67 32.54 -9.68
CA TYR A 440 -36.57 32.78 -10.79
C TYR A 440 -36.97 34.25 -10.87
N GLU A 441 -37.31 34.87 -9.74
CA GLU A 441 -37.75 36.26 -9.75
C GLU A 441 -36.57 37.20 -9.91
N THR A 442 -35.62 37.14 -8.98
CA THR A 442 -34.50 38.07 -8.99
C THR A 442 -33.51 37.72 -10.09
N SER A 443 -32.53 38.60 -10.28
CA SER A 443 -31.50 38.43 -11.31
C SER A 443 -30.13 38.19 -10.70
N GLU A 444 -30.09 37.70 -9.46
CA GLU A 444 -28.84 37.52 -8.73
C GLU A 444 -28.28 36.12 -8.95
N GLU A 445 -26.94 36.03 -8.98
CA GLU A 445 -26.29 34.73 -9.05
C GLU A 445 -26.31 34.04 -7.68
N GLN A 446 -25.75 32.84 -7.62
CA GLN A 446 -25.77 32.06 -6.39
C GLN A 446 -24.91 32.68 -5.29
N MET A 447 -23.87 33.43 -5.69
CA MET A 447 -23.01 34.11 -4.72
C MET A 447 -23.78 35.12 -3.90
N THR A 448 -24.52 36.01 -4.57
CA THR A 448 -25.22 37.07 -3.86
C THR A 448 -26.45 36.54 -3.14
N ILE A 449 -27.08 35.49 -3.64
CA ILE A 449 -28.22 34.90 -2.95
C ILE A 449 -27.77 34.19 -1.69
N LEU A 450 -26.64 33.48 -1.75
CA LEU A 450 -26.15 32.80 -0.56
C LEU A 450 -25.49 33.75 0.42
N THR A 451 -25.03 34.91 -0.04
CA THR A 451 -24.55 35.94 0.88
C THR A 451 -25.71 36.64 1.57
N ARG A 452 -26.76 36.97 0.80
CA ARG A 452 -27.91 37.70 1.33
C ARG A 452 -28.69 36.87 2.34
N LEU A 453 -28.77 35.57 2.14
CA LEU A 453 -29.55 34.70 3.02
C LEU A 453 -28.78 34.28 4.26
N GLY A 454 -27.52 34.66 4.38
CA GLY A 454 -26.75 34.41 5.58
C GLY A 454 -26.04 33.08 5.62
N LYS A 455 -26.30 32.19 4.68
CA LYS A 455 -25.67 30.87 4.68
C LYS A 455 -24.21 30.98 4.25
N GLN A 456 -23.31 31.12 5.23
CA GLN A 456 -21.88 31.15 4.96
C GLN A 456 -21.10 30.41 6.03
N LYS A 457 -21.74 29.44 6.69
CA LYS A 457 -21.21 28.88 7.93
C LYS A 457 -19.98 28.01 7.67
N THR A 458 -20.16 26.90 6.93
CA THR A 458 -19.24 25.76 6.70
C THR A 458 -18.37 25.46 7.92
N THR A 459 -19.02 25.24 9.06
CA THR A 459 -18.34 25.18 10.34
C THR A 459 -17.66 23.83 10.57
N SER A 460 -16.51 23.88 11.24
CA SER A 460 -15.76 22.68 11.61
C SER A 460 -14.80 23.10 12.72
N SER A 461 -15.01 22.58 13.93
CA SER A 461 -14.19 22.99 15.07
C SER A 461 -14.20 21.88 16.11
N SER A 462 -13.37 22.08 17.15
CA SER A 462 -13.24 21.17 18.26
C SER A 462 -12.93 21.98 19.51
N ASN A 463 -13.31 21.44 20.67
CA ASN A 463 -13.22 22.20 21.91
C ASN A 463 -11.83 22.12 22.51
N LYS A 464 -11.41 23.24 23.09
CA LYS A 464 -10.13 23.40 23.80
C LYS A 464 -10.29 24.60 24.71
N THR A 465 -9.34 24.77 25.63
CA THR A 465 -9.40 25.85 26.59
C THR A 465 -8.22 26.80 26.52
N LYS A 466 -6.99 26.29 26.67
CA LYS A 466 -5.83 27.17 26.79
C LYS A 466 -4.75 26.91 25.74
N TYR A 467 -4.87 25.84 24.95
CA TYR A 467 -3.79 25.45 24.05
C TYR A 467 -4.30 25.16 22.65
N ILE A 468 -3.37 25.21 21.69
CA ILE A 468 -3.68 24.90 20.31
C ILE A 468 -3.93 23.40 20.17
N ASP A 469 -4.91 23.04 19.34
CA ASP A 469 -5.22 21.64 19.07
C ASP A 469 -4.71 21.32 17.67
N GLU A 470 -3.99 20.20 17.55
CA GLU A 470 -3.38 19.85 16.27
C GLU A 470 -4.37 19.22 15.30
N LYS A 471 -5.41 18.54 15.81
CA LYS A 471 -6.31 17.73 14.98
C LYS A 471 -7.05 18.55 13.94
N LEU A 472 -7.64 19.68 14.35
CA LEU A 472 -8.46 20.46 13.43
C LEU A 472 -7.63 21.25 12.42
N LEU A 473 -6.36 21.51 12.72
CA LEU A 473 -5.49 22.11 11.70
C LEU A 473 -4.93 21.06 10.75
N THR A 474 -4.55 19.89 11.27
CA THR A 474 -3.82 18.90 10.48
C THR A 474 -4.69 18.27 9.39
N GLU A 475 -6.02 18.32 9.53
CA GLU A 475 -6.94 17.72 8.57
C GLU A 475 -6.90 18.34 7.18
N GLU A 476 -6.22 19.48 6.99
CA GLU A 476 -5.81 19.90 5.66
C GLU A 476 -4.66 19.00 5.20
N ILE A 477 -4.96 18.08 4.29
CA ILE A 477 -3.99 17.12 3.78
C ILE A 477 -3.51 17.56 2.40
N TYR A 478 -2.26 17.99 2.32
CA TYR A 478 -1.60 18.04 1.02
C TYR A 478 -0.78 16.78 0.83
N ASN A 479 0.25 16.63 1.66
CA ASN A 479 1.14 15.49 1.72
C ASN A 479 1.19 15.06 3.18
N PRO A 480 1.50 13.79 3.45
CA PRO A 480 1.70 13.39 4.85
C PRO A 480 2.92 14.00 5.50
N VAL A 481 3.92 14.42 4.72
CA VAL A 481 5.14 14.97 5.29
C VAL A 481 4.89 16.38 5.83
N VAL A 482 4.03 17.16 5.16
CA VAL A 482 3.71 18.50 5.63
C VAL A 482 2.86 18.41 6.88
N ALA A 483 1.95 17.44 6.93
CA ALA A 483 1.11 17.24 8.11
C ALA A 483 1.94 16.81 9.32
N LYS A 484 2.94 15.94 9.10
CA LYS A 484 3.78 15.50 10.20
C LYS A 484 4.67 16.64 10.73
N SER A 485 5.25 17.42 9.82
CA SER A 485 6.10 18.53 10.24
C SER A 485 5.29 19.60 10.97
N VAL A 486 4.07 19.86 10.51
CA VAL A 486 3.22 20.85 11.16
C VAL A 486 2.76 20.36 12.52
N ARG A 487 2.50 19.06 12.67
CA ARG A 487 2.12 18.52 13.98
C ARG A 487 3.24 18.64 15.00
N GLN A 488 4.49 18.36 14.58
CA GLN A 488 5.61 18.52 15.49
C GLN A 488 5.82 19.99 15.88
N ALA A 489 5.62 20.91 14.92
CA ALA A 489 5.77 22.33 15.23
C ALA A 489 4.70 22.82 16.19
N ILE A 490 3.46 22.35 16.03
CA ILE A 490 2.37 22.78 16.91
C ILE A 490 2.58 22.23 18.32
N LYS A 491 3.10 21.00 18.44
CA LYS A 491 3.40 20.49 19.78
C LYS A 491 4.54 21.25 20.46
N ILE A 492 5.55 21.68 19.69
CA ILE A 492 6.60 22.53 20.26
C ILE A 492 6.04 23.86 20.75
N VAL A 493 5.16 24.48 19.94
CA VAL A 493 4.57 25.77 20.32
C VAL A 493 3.73 25.63 21.58
N ASN A 494 2.99 24.51 21.67
CA ASN A 494 2.21 24.17 22.86
C ASN A 494 3.09 24.09 24.11
N ALA A 495 4.22 23.37 24.02
CA ALA A 495 5.06 23.18 25.21
C ALA A 495 5.80 24.46 25.59
N ALA A 496 6.18 25.27 24.60
CA ALA A 496 6.82 26.55 24.91
C ALA A 496 5.84 27.53 25.55
N ILE A 497 4.59 27.50 25.10
CA ILE A 497 3.54 28.32 25.71
C ILE A 497 3.29 27.88 27.14
N LYS A 498 3.37 26.57 27.38
CA LYS A 498 3.19 26.04 28.74
C LYS A 498 4.31 26.50 29.67
N GLU A 499 5.56 26.38 29.23
CA GLU A 499 6.64 26.68 30.16
C GLU A 499 7.04 28.14 30.21
N TYR A 500 6.59 29.00 29.29
CA TYR A 500 7.02 30.39 29.31
C TYR A 500 5.89 31.40 29.39
N GLY A 501 4.66 30.98 29.59
CA GLY A 501 3.57 31.94 29.67
C GLY A 501 3.02 32.31 28.29
N ASP A 502 3.25 33.55 27.88
CA ASP A 502 2.78 34.07 26.60
C ASP A 502 3.96 34.57 25.78
N PHE A 503 3.67 34.98 24.54
CA PHE A 503 4.70 35.46 23.62
C PHE A 503 4.38 36.88 23.15
N ASP A 504 5.19 37.36 22.21
CA ASP A 504 4.98 38.66 21.57
C ASP A 504 5.17 38.60 20.06
N ASN A 505 5.73 37.51 19.52
CA ASN A 505 5.93 37.34 18.08
C ASN A 505 6.23 35.87 17.83
N ILE A 506 5.56 35.29 16.83
CA ILE A 506 5.83 33.93 16.39
C ILE A 506 6.14 33.96 14.90
N VAL A 507 7.34 33.53 14.53
CA VAL A 507 7.77 33.50 13.15
C VAL A 507 8.02 32.05 12.75
N ILE A 508 7.39 31.63 11.65
CA ILE A 508 7.41 30.24 11.19
C ILE A 508 7.92 30.25 9.76
N GLU A 509 8.98 29.49 9.50
CA GLU A 509 9.50 29.38 8.14
C GLU A 509 9.68 27.92 7.76
N MET A 510 8.98 27.50 6.69
CA MET A 510 9.12 26.15 6.15
C MET A 510 10.42 26.01 5.37
N ALA A 690 -0.31 26.21 1.03
CA ALA A 690 0.30 25.25 1.93
C ALA A 690 0.52 25.84 3.32
N SER A 691 1.15 27.00 3.38
CA SER A 691 1.36 27.70 4.63
C SER A 691 0.21 28.64 4.98
N ARG A 692 -0.72 28.85 4.03
CA ARG A 692 -1.86 29.71 4.28
C ARG A 692 -2.80 29.11 5.32
N VAL A 693 -2.93 27.78 5.35
CA VAL A 693 -3.86 27.14 6.28
C VAL A 693 -3.31 27.19 7.71
N VAL A 694 -1.99 26.98 7.87
CA VAL A 694 -1.43 27.04 9.22
C VAL A 694 -1.33 28.49 9.70
N LEU A 695 -1.13 29.43 8.76
CA LEU A 695 -1.17 30.85 9.10
C LEU A 695 -2.57 31.26 9.56
N ASN A 696 -3.60 30.80 8.84
CA ASN A 696 -4.97 31.13 9.17
C ASN A 696 -5.40 30.50 10.49
N ALA A 697 -4.92 29.29 10.79
CA ALA A 697 -5.28 28.65 12.05
C ALA A 697 -4.60 29.31 13.23
N LEU A 698 -3.34 29.71 13.07
CA LEU A 698 -2.65 30.43 14.14
C LEU A 698 -3.29 31.79 14.40
N GLN A 699 -3.63 32.52 13.34
CA GLN A 699 -4.31 33.81 13.53
C GLN A 699 -5.72 33.63 14.08
N GLU A 700 -6.40 32.53 13.74
CA GLU A 700 -7.72 32.31 14.30
C GLU A 700 -7.66 31.99 15.79
N HIS A 701 -6.66 31.18 16.20
CA HIS A 701 -6.53 30.89 17.63
C HIS A 701 -6.06 32.09 18.42
N PHE A 702 -5.26 32.97 17.81
CA PHE A 702 -4.84 34.19 18.50
C PHE A 702 -5.89 35.29 18.44
N ARG A 703 -6.84 35.19 17.50
CA ARG A 703 -7.96 36.13 17.43
C ARG A 703 -9.07 35.74 18.41
N ALA A 704 -9.32 34.44 18.55
CA ALA A 704 -10.39 33.98 19.41
C ALA A 704 -10.05 34.03 20.90
N HIS A 705 -8.76 34.09 21.26
CA HIS A 705 -8.38 34.13 22.67
C HIS A 705 -7.62 35.41 23.03
N LYS A 706 -7.94 36.50 22.32
CA LYS A 706 -7.52 37.90 22.57
C LYS A 706 -6.06 38.06 22.98
N ILE A 707 -5.16 37.38 22.26
CA ILE A 707 -3.72 37.52 22.43
C ILE A 707 -3.17 38.32 21.26
N ASP A 708 -2.40 39.36 21.56
CA ASP A 708 -1.80 40.19 20.51
C ASP A 708 -0.37 39.72 20.20
N THR A 709 -0.30 38.56 19.55
CA THR A 709 0.96 37.99 19.11
C THR A 709 0.94 37.90 17.59
N LYS A 710 1.88 38.57 16.94
CA LYS A 710 1.90 38.62 15.49
C LYS A 710 2.51 37.33 14.94
N VAL A 711 1.81 36.72 14.00
CA VAL A 711 2.27 35.50 13.33
C VAL A 711 2.80 35.88 11.96
N SER A 712 4.05 35.55 11.69
CA SER A 712 4.75 35.99 10.50
C SER A 712 5.16 34.79 9.65
N VAL A 713 5.76 35.08 8.50
CA VAL A 713 6.31 34.04 7.65
C VAL A 713 7.83 34.20 7.53
N HIS A 736 20.40 21.18 14.35
CA HIS A 736 21.82 21.51 14.48
C HIS A 736 22.06 22.83 13.76
N HIS A 737 22.27 22.76 12.45
CA HIS A 737 22.31 23.94 11.60
C HIS A 737 20.95 24.63 11.56
N HIS A 738 19.87 23.85 11.62
CA HIS A 738 18.52 24.42 11.57
C HIS A 738 18.20 25.25 12.80
N ALA A 739 18.84 24.97 13.94
CA ALA A 739 18.64 25.83 15.10
C ALA A 739 19.27 27.20 14.88
N VAL A 740 20.45 27.24 14.27
CA VAL A 740 21.11 28.51 13.96
C VAL A 740 20.32 29.28 12.90
N ASP A 741 19.76 28.56 11.92
CA ASP A 741 18.95 29.24 10.92
C ASP A 741 17.61 29.70 11.50
N ALA A 742 17.09 28.99 12.51
CA ALA A 742 15.91 29.46 13.24
C ALA A 742 16.23 30.73 14.02
N LEU A 743 17.43 30.82 14.58
CA LEU A 743 17.89 32.05 15.22
C LEU A 743 17.96 33.20 14.21
N ILE A 744 18.45 32.90 13.01
CA ILE A 744 18.57 33.91 11.95
C ILE A 744 17.19 34.39 11.52
N ILE A 745 16.23 33.47 11.42
CA ILE A 745 14.85 33.83 11.06
C ILE A 745 14.19 34.64 12.18
N ALA A 746 14.48 34.30 13.43
CA ALA A 746 13.94 35.05 14.56
C ALA A 746 14.58 36.43 14.68
N ALA A 747 15.80 36.60 14.16
CA ALA A 747 16.42 37.92 14.11
C ALA A 747 15.86 38.78 12.98
N SER A 748 15.31 38.17 11.94
CA SER A 748 14.75 38.89 10.81
C SER A 748 13.30 39.30 11.03
N SER A 749 12.78 39.13 12.24
CA SER A 749 11.51 39.72 12.65
C SER A 749 11.50 41.25 12.53
N GLU A 805 27.61 25.42 18.74
CA GLU A 805 27.43 25.69 20.16
C GLU A 805 27.40 24.42 20.98
N ASP A 806 27.89 24.51 22.21
CA ASP A 806 27.85 23.38 23.13
C ASP A 806 26.51 23.28 23.84
N SER A 807 25.82 24.40 24.04
CA SER A 807 24.54 24.42 24.70
C SER A 807 23.37 24.17 23.75
N ILE A 808 23.62 23.62 22.56
CA ILE A 808 22.55 23.11 21.72
C ILE A 808 22.11 21.77 22.29
N LEU A 809 20.84 21.68 22.65
CA LEU A 809 20.25 20.48 23.21
C LEU A 809 19.29 19.87 22.21
N PHE A 810 19.26 18.54 22.14
CA PHE A 810 18.48 17.82 21.16
C PHE A 810 17.36 17.04 21.85
N SER A 811 16.43 16.56 21.03
CA SER A 811 15.31 15.74 21.53
C SER A 811 14.79 14.94 20.36
N TYR A 812 14.86 13.61 20.47
CA TYR A 812 14.46 12.73 19.38
C TYR A 812 13.08 12.16 19.63
N GLN A 813 12.57 11.45 18.62
CA GLN A 813 11.29 10.77 18.69
C GLN A 813 11.52 9.28 18.91
N VAL A 814 10.89 8.73 19.91
CA VAL A 814 11.10 7.34 20.29
C VAL A 814 10.16 6.45 19.47
N ASP A 815 10.69 5.36 18.95
CA ASP A 815 9.99 4.44 18.06
C ASP A 815 9.71 3.17 18.85
N SER A 816 8.45 2.96 19.25
CA SER A 816 8.11 1.82 20.08
C SER A 816 6.99 0.96 19.49
N LYS A 817 6.76 1.05 18.18
CA LYS A 817 5.73 0.22 17.54
C LYS A 817 6.28 -1.18 17.34
N PHE A 818 5.43 -2.19 17.53
CA PHE A 818 5.92 -3.55 17.73
C PHE A 818 5.47 -4.54 16.66
N ASN A 819 5.21 -4.08 15.44
CA ASN A 819 4.74 -5.03 14.43
C ASN A 819 5.35 -4.75 13.06
N ARG A 820 6.59 -4.30 13.00
CA ARG A 820 7.16 -3.94 11.71
C ARG A 820 7.67 -5.20 10.98
N LYS A 821 8.45 -4.99 9.94
CA LYS A 821 8.92 -6.08 9.09
C LYS A 821 9.91 -6.95 9.85
N ILE A 822 9.63 -8.26 9.91
CA ILE A 822 10.33 -9.09 10.88
C ILE A 822 11.69 -9.57 10.37
N SER A 823 11.89 -9.67 9.05
CA SER A 823 13.11 -10.23 8.47
C SER A 823 13.14 -9.89 6.98
N ASP A 824 14.04 -10.53 6.25
CA ASP A 824 14.07 -10.43 4.80
C ASP A 824 13.04 -11.37 4.18
N ALA A 825 13.08 -11.52 2.86
CA ALA A 825 12.06 -12.28 2.15
C ALA A 825 12.55 -13.55 1.49
N THR A 826 13.85 -13.65 1.20
CA THR A 826 14.38 -14.80 0.47
C THR A 826 14.43 -16.01 1.38
N ILE A 827 14.12 -17.18 0.84
CA ILE A 827 14.15 -18.44 1.56
C ILE A 827 15.43 -19.17 1.19
N TYR A 828 16.07 -19.80 2.17
CA TYR A 828 17.39 -20.38 2.03
C TYR A 828 17.38 -21.87 2.36
N ALA A 829 18.30 -22.60 1.74
CA ALA A 829 18.46 -24.03 1.93
C ALA A 829 19.79 -24.32 2.61
N THR A 830 19.83 -25.38 3.42
CA THR A 830 21.01 -25.70 4.22
C THR A 830 21.47 -27.13 3.97
N ARG A 831 22.79 -27.33 3.96
CA ARG A 831 23.40 -28.64 3.76
C ARG A 831 24.52 -28.85 4.78
N GLN A 832 24.80 -30.10 5.11
CA GLN A 832 25.83 -30.43 6.10
C GLN A 832 27.09 -30.90 5.37
N ALA A 833 28.08 -30.03 5.27
CA ALA A 833 29.26 -30.34 4.45
C ALA A 833 30.51 -29.70 5.01
N LYS A 834 31.61 -30.46 5.00
CA LYS A 834 32.92 -29.93 5.36
C LYS A 834 33.42 -29.00 4.27
N VAL A 835 33.77 -27.77 4.64
CA VAL A 835 34.30 -26.79 3.71
C VAL A 835 35.54 -26.18 4.34
N GLY A 836 36.63 -26.13 3.59
CA GLY A 836 37.80 -25.37 4.01
C GLY A 836 38.68 -26.15 4.97
N LYS A 837 39.27 -25.43 5.92
CA LYS A 837 40.14 -26.03 6.92
C LYS A 837 39.36 -26.39 8.18
N ASP A 838 38.26 -27.11 8.00
CA ASP A 838 37.43 -27.61 9.08
C ASP A 838 37.50 -29.12 9.13
N LYS A 839 37.37 -29.67 10.32
CA LYS A 839 37.45 -31.10 10.53
C LYS A 839 36.19 -31.64 11.20
N ALA A 840 35.04 -31.06 10.88
CA ALA A 840 33.77 -31.49 11.46
C ALA A 840 32.63 -31.12 10.52
N ASP A 841 31.47 -31.71 10.77
CA ASP A 841 30.26 -31.46 10.00
C ASP A 841 29.46 -30.36 10.64
N GLU A 842 29.26 -29.26 9.93
CA GLU A 842 28.39 -28.18 10.35
C GLU A 842 27.42 -27.86 9.23
N THR A 843 26.37 -27.12 9.55
CA THR A 843 25.32 -26.81 8.58
C THR A 843 25.63 -25.48 7.90
N TYR A 844 25.79 -25.52 6.59
CA TYR A 844 26.06 -24.36 5.76
C TYR A 844 24.80 -23.93 5.03
N VAL A 845 24.72 -22.64 4.71
CA VAL A 845 23.59 -22.06 3.99
C VAL A 845 23.98 -21.97 2.52
N LEU A 846 23.12 -22.45 1.64
CA LEU A 846 23.45 -22.48 0.22
C LEU A 846 23.23 -21.13 -0.44
N GLY A 847 23.91 -20.95 -1.57
CA GLY A 847 23.64 -19.83 -2.45
C GLY A 847 23.47 -20.36 -3.87
N LYS A 848 23.08 -19.46 -4.77
CA LYS A 848 22.82 -19.90 -6.14
C LYS A 848 23.12 -18.77 -7.11
N ILE A 849 23.99 -19.05 -8.07
CA ILE A 849 24.27 -18.13 -9.17
C ILE A 849 23.27 -18.45 -10.27
N LYS A 850 22.33 -17.56 -10.52
CA LYS A 850 21.41 -17.74 -11.62
C LYS A 850 21.88 -16.97 -12.84
N ASP A 851 21.60 -17.53 -14.02
CA ASP A 851 21.93 -16.96 -15.33
C ASP A 851 23.43 -16.75 -15.48
N ILE A 852 24.14 -17.88 -15.59
CA ILE A 852 25.60 -17.91 -15.71
C ILE A 852 26.13 -17.18 -16.95
N TYR A 853 25.28 -16.88 -17.93
CA TYR A 853 25.72 -16.21 -19.15
C TYR A 853 25.70 -14.70 -19.06
N THR A 854 25.12 -14.13 -18.01
CA THR A 854 25.13 -12.69 -17.82
C THR A 854 26.51 -12.29 -17.29
N GLN A 855 26.80 -10.98 -17.28
CA GLN A 855 28.10 -10.52 -16.80
C GLN A 855 28.22 -10.72 -15.29
N ASP A 856 27.13 -10.50 -14.55
CA ASP A 856 27.19 -10.61 -13.10
C ASP A 856 27.32 -12.06 -12.65
N GLY A 857 26.65 -12.98 -13.37
CA GLY A 857 26.83 -14.39 -13.08
C GLY A 857 28.25 -14.87 -13.33
N TYR A 858 28.89 -14.32 -14.37
CA TYR A 858 30.28 -14.68 -14.63
C TYR A 858 31.21 -14.09 -13.59
N ASP A 859 30.92 -12.87 -13.12
CA ASP A 859 31.72 -12.27 -12.06
C ASP A 859 31.62 -13.08 -10.77
N ALA A 860 30.41 -13.52 -10.42
CA ALA A 860 30.23 -14.35 -9.23
C ALA A 860 30.89 -15.71 -9.39
N PHE A 861 30.83 -16.28 -10.60
CA PHE A 861 31.47 -17.56 -10.87
C PHE A 861 32.98 -17.44 -10.72
N MET A 862 33.57 -16.37 -11.26
CA MET A 862 35.01 -16.21 -11.15
C MET A 862 35.44 -15.89 -9.73
N LYS A 863 34.57 -15.25 -8.94
CA LYS A 863 34.87 -15.02 -7.54
C LYS A 863 34.93 -16.33 -6.75
N ILE A 864 33.93 -17.20 -6.93
CA ILE A 864 33.97 -18.47 -6.21
C ILE A 864 35.02 -19.41 -6.79
N TYR A 865 35.39 -19.23 -8.07
CA TYR A 865 36.42 -20.08 -8.65
C TYR A 865 37.81 -19.69 -8.15
N LYS A 866 38.09 -18.39 -8.10
CA LYS A 866 39.40 -17.94 -7.61
C LYS A 866 39.50 -18.00 -6.10
N LYS A 867 38.38 -18.09 -5.39
CA LYS A 867 38.47 -18.29 -3.95
C LYS A 867 38.73 -19.76 -3.60
N ASP A 868 37.80 -20.64 -3.96
CA ASP A 868 37.92 -22.06 -3.64
C ASP A 868 37.01 -22.83 -4.59
N LYS A 869 37.61 -23.68 -5.43
CA LYS A 869 36.84 -24.40 -6.44
C LYS A 869 35.97 -25.51 -5.86
N SER A 870 36.24 -25.95 -4.65
CA SER A 870 35.48 -27.05 -4.07
C SER A 870 34.22 -26.59 -3.35
N LYS A 871 33.91 -25.30 -3.36
CA LYS A 871 32.69 -24.81 -2.76
C LYS A 871 31.48 -25.02 -3.65
N PHE A 872 31.67 -25.26 -4.94
CA PHE A 872 30.56 -25.60 -5.83
C PHE A 872 30.07 -27.01 -5.53
N LEU A 873 28.81 -27.26 -5.81
CA LEU A 873 28.27 -28.60 -5.61
C LEU A 873 28.48 -29.49 -6.82
N MET A 874 28.75 -28.91 -7.99
CA MET A 874 29.06 -29.72 -9.17
C MET A 874 30.46 -30.30 -9.13
N TYR A 875 31.33 -29.76 -8.28
CA TYR A 875 32.68 -30.30 -8.16
C TYR A 875 32.74 -31.51 -7.25
N ARG A 876 31.72 -31.72 -6.42
CA ARG A 876 31.69 -32.87 -5.53
C ARG A 876 30.88 -34.01 -6.14
N HIS A 877 29.63 -33.75 -6.50
CA HIS A 877 28.81 -34.71 -7.23
C HIS A 877 28.97 -34.43 -8.70
N ASP A 878 29.21 -35.49 -9.49
CA ASP A 878 29.51 -35.45 -10.92
C ASP A 878 30.66 -34.50 -11.26
N PRO A 879 31.90 -34.84 -10.91
CA PRO A 879 33.01 -33.92 -11.18
C PRO A 879 33.49 -33.91 -12.63
N GLN A 880 33.16 -34.95 -13.41
CA GLN A 880 33.65 -35.07 -14.78
C GLN A 880 33.22 -33.91 -15.67
N THR A 881 31.97 -33.47 -15.54
CA THR A 881 31.46 -32.35 -16.35
C THR A 881 32.08 -31.01 -15.98
N PHE A 882 32.70 -30.91 -14.79
CA PHE A 882 33.38 -29.67 -14.46
C PHE A 882 34.61 -29.44 -15.32
N GLU A 883 35.24 -30.52 -15.82
CA GLU A 883 36.28 -30.38 -16.84
C GLU A 883 35.72 -29.80 -18.15
N LYS A 884 34.48 -30.19 -18.50
CA LYS A 884 33.81 -29.61 -19.67
C LYS A 884 33.56 -28.13 -19.45
N VAL A 885 33.24 -27.75 -18.21
CA VAL A 885 33.13 -26.32 -17.88
C VAL A 885 34.51 -25.66 -17.83
N ILE A 886 35.56 -26.42 -17.53
CA ILE A 886 36.93 -25.91 -17.51
C ILE A 886 37.40 -25.48 -18.90
N GLU A 887 36.98 -26.18 -19.96
CA GLU A 887 37.52 -25.83 -21.29
C GLU A 887 37.19 -24.44 -21.87
N PRO A 888 35.97 -23.87 -21.72
CA PRO A 888 35.77 -22.50 -22.23
C PRO A 888 36.59 -21.45 -21.48
N ILE A 889 36.69 -21.55 -20.16
CA ILE A 889 37.49 -20.62 -19.38
C ILE A 889 38.97 -20.76 -19.75
N LEU A 890 39.41 -21.97 -20.09
CA LEU A 890 40.79 -22.19 -20.49
C LEU A 890 41.08 -21.71 -21.91
N GLU A 891 40.08 -21.69 -22.80
CA GLU A 891 40.35 -21.41 -24.21
C GLU A 891 40.15 -19.94 -24.58
N ASN A 892 38.93 -19.43 -24.44
CA ASN A 892 38.58 -18.12 -24.97
C ASN A 892 39.17 -16.99 -24.13
N PRO A 909 34.32 -15.23 -21.50
CA PRO A 909 33.01 -15.53 -20.92
C PRO A 909 32.25 -16.59 -21.70
N PHE A 910 31.15 -17.08 -21.10
CA PHE A 910 30.36 -18.15 -21.68
C PHE A 910 29.42 -17.69 -22.79
N LEU A 911 29.23 -16.38 -22.98
CA LEU A 911 28.50 -15.90 -24.14
C LEU A 911 29.24 -16.19 -25.44
N LYS A 912 30.58 -16.20 -25.39
CA LYS A 912 31.36 -16.62 -26.55
C LYS A 912 31.06 -18.07 -26.91
N TYR A 913 30.94 -18.93 -25.90
CA TYR A 913 30.59 -20.32 -26.16
C TYR A 913 29.14 -20.47 -26.60
N LYS A 914 28.27 -19.55 -26.15
CA LYS A 914 26.87 -19.63 -26.56
C LYS A 914 26.71 -19.21 -28.02
N GLU A 915 27.46 -18.19 -28.45
CA GLU A 915 27.45 -17.79 -29.84
C GLU A 915 28.12 -18.85 -30.73
N GLU A 916 29.15 -19.52 -30.22
CA GLU A 916 29.76 -20.62 -30.97
C GLU A 916 28.80 -21.79 -31.14
N HIS A 917 28.36 -22.40 -30.03
CA HIS A 917 27.67 -23.68 -30.11
C HIS A 917 26.38 -23.76 -29.31
N GLY A 918 25.99 -22.74 -28.56
CA GLY A 918 24.75 -22.79 -27.80
C GLY A 918 24.94 -23.00 -26.31
N TYR A 919 23.93 -23.56 -25.66
CA TYR A 919 23.98 -23.79 -24.23
C TYR A 919 25.00 -24.86 -23.87
N ILE A 920 25.78 -24.59 -22.82
CA ILE A 920 26.74 -25.56 -22.31
C ILE A 920 26.00 -26.76 -21.76
N ARG A 921 26.45 -27.95 -22.14
CA ARG A 921 25.74 -29.18 -21.84
C ARG A 921 26.45 -29.95 -20.74
N LYS A 922 25.66 -30.71 -19.98
CA LYS A 922 26.20 -31.73 -19.11
C LYS A 922 26.90 -32.80 -19.94
N TYR A 923 27.97 -33.37 -19.41
CA TYR A 923 28.76 -34.31 -20.18
C TYR A 923 28.01 -35.64 -20.36
N SER A 924 27.95 -36.10 -21.60
CA SER A 924 27.40 -37.41 -21.90
C SER A 924 28.21 -38.03 -23.03
N LYS A 925 27.85 -39.26 -23.40
CA LYS A 925 28.52 -39.94 -24.50
C LYS A 925 28.18 -39.29 -25.83
N LYS A 926 26.92 -38.90 -26.01
CA LYS A 926 26.49 -38.12 -27.16
C LYS A 926 26.43 -36.65 -26.75
N GLY A 927 25.87 -35.82 -27.62
CA GLY A 927 25.53 -34.46 -27.25
C GLY A 927 24.08 -34.32 -26.79
N ASN A 928 23.65 -35.22 -25.91
CA ASN A 928 22.27 -35.24 -25.46
C ASN A 928 22.17 -34.62 -24.07
N GLY A 929 23.26 -34.05 -23.57
CA GLY A 929 23.33 -33.51 -22.22
C GLY A 929 22.40 -32.35 -21.94
N PRO A 930 21.85 -32.31 -20.72
CA PRO A 930 21.02 -31.18 -20.31
C PRO A 930 21.80 -29.89 -20.23
N GLU A 931 21.09 -28.79 -20.48
CA GLU A 931 21.68 -27.46 -20.51
C GLU A 931 22.09 -27.05 -19.10
N ILE A 932 23.08 -26.16 -19.02
CA ILE A 932 23.54 -25.61 -17.75
C ILE A 932 23.32 -24.11 -17.75
N LYS A 933 22.64 -23.61 -16.72
CA LYS A 933 22.42 -22.17 -16.55
C LYS A 933 22.64 -21.69 -15.13
N SER A 934 22.69 -22.56 -14.13
CA SER A 934 22.79 -22.12 -12.75
C SER A 934 23.56 -23.15 -11.93
N LEU A 935 24.41 -22.67 -11.02
CA LEU A 935 25.16 -23.52 -10.11
C LEU A 935 24.91 -23.08 -8.68
N LYS A 936 25.20 -23.97 -7.74
CA LYS A 936 25.02 -23.72 -6.31
C LYS A 936 26.35 -23.80 -5.59
N TYR A 937 26.54 -22.97 -4.58
CA TYR A 937 27.74 -23.04 -3.76
C TYR A 937 27.39 -23.08 -2.28
N TYR A 938 28.38 -23.04 -1.41
CA TYR A 938 28.21 -22.94 0.03
C TYR A 938 28.54 -21.52 0.46
N ASP A 939 27.55 -20.79 0.99
CA ASP A 939 27.77 -19.38 1.28
C ASP A 939 28.56 -19.20 2.58
N SER A 940 27.97 -19.61 3.70
CA SER A 940 28.58 -19.44 5.01
C SER A 940 27.94 -20.43 5.97
N LYS A 941 28.33 -20.34 7.24
CA LYS A 941 27.75 -21.22 8.25
C LYS A 941 26.40 -20.68 8.69
N LEU A 942 25.68 -21.49 9.46
CA LEU A 942 24.36 -21.11 9.96
C LEU A 942 24.49 -20.48 11.33
N GLY A 943 23.82 -19.34 11.51
CA GLY A 943 23.85 -18.65 12.78
C GLY A 943 22.45 -18.34 13.29
N ASN A 944 22.19 -17.05 13.50
CA ASN A 944 20.88 -16.61 13.98
C ASN A 944 19.89 -16.58 12.83
N HIS A 945 18.70 -17.13 13.06
CA HIS A 945 17.76 -17.41 11.99
C HIS A 945 16.36 -17.60 12.55
N ILE A 946 15.37 -17.51 11.66
CA ILE A 946 14.02 -17.96 11.91
C ILE A 946 13.86 -19.27 11.14
N ASP A 947 13.04 -20.18 11.66
CA ASP A 947 12.95 -21.53 11.13
C ASP A 947 11.55 -21.76 10.57
N ILE A 948 11.46 -22.10 9.28
CA ILE A 948 10.18 -22.39 8.64
C ILE A 948 10.18 -23.77 7.99
N THR A 949 10.92 -24.71 8.57
CA THR A 949 11.20 -26.01 7.93
C THR A 949 9.94 -26.83 7.71
N PRO A 950 9.65 -27.25 6.48
CA PRO A 950 8.45 -28.06 6.22
C PRO A 950 8.53 -29.43 6.88
N LYS A 951 7.39 -30.13 6.85
CA LYS A 951 7.25 -31.33 7.67
C LYS A 951 8.04 -32.50 7.09
N ASP A 952 8.00 -32.70 5.78
CA ASP A 952 8.73 -33.75 5.12
C ASP A 952 9.90 -33.10 4.39
N SER A 953 10.97 -32.82 5.13
CA SER A 953 12.14 -32.16 4.56
C SER A 953 13.38 -32.68 5.26
N ASN A 954 14.37 -33.08 4.46
CA ASN A 954 15.63 -33.59 5.01
C ASN A 954 16.56 -32.50 5.51
N ASN A 955 16.29 -31.23 5.19
CA ASN A 955 17.24 -30.17 5.41
C ASN A 955 16.54 -28.92 5.93
N LYS A 956 17.23 -28.21 6.82
CA LYS A 956 16.64 -27.07 7.51
C LYS A 956 16.48 -25.88 6.58
N VAL A 957 15.30 -25.27 6.59
CA VAL A 957 14.94 -24.17 5.71
C VAL A 957 14.72 -22.94 6.57
N VAL A 958 15.44 -21.85 6.28
CA VAL A 958 15.57 -20.73 7.20
C VAL A 958 15.22 -19.40 6.52
N LEU A 959 15.04 -18.38 7.36
CA LEU A 959 15.00 -16.97 6.97
C LEU A 959 16.06 -16.22 7.77
N GLN A 960 16.61 -15.15 7.19
CA GLN A 960 17.75 -14.49 7.78
C GLN A 960 17.52 -12.99 7.90
N SER A 961 18.47 -12.33 8.58
CA SER A 961 18.50 -10.88 8.82
C SER A 961 17.24 -10.40 9.54
N VAL A 962 17.09 -10.86 10.76
CA VAL A 962 15.90 -10.61 11.57
C VAL A 962 16.11 -9.30 12.34
N SER A 963 15.04 -8.51 12.49
CA SER A 963 15.10 -7.12 12.94
C SER A 963 14.84 -6.98 14.44
N PRO A 964 15.57 -6.08 15.13
CA PRO A 964 15.45 -5.96 16.59
C PRO A 964 14.50 -4.89 17.07
N TRP A 965 13.95 -5.05 18.28
CA TRP A 965 12.97 -4.12 18.81
C TRP A 965 13.48 -3.27 19.98
N ARG A 966 13.89 -3.89 21.08
CA ARG A 966 14.23 -3.13 22.30
C ARG A 966 15.17 -3.95 23.17
N ALA A 967 15.73 -3.29 24.19
CA ALA A 967 16.67 -3.92 25.11
C ALA A 967 16.26 -3.69 26.55
N ASP A 968 16.78 -4.53 27.43
CA ASP A 968 16.48 -4.53 28.87
C ASP A 968 17.77 -4.61 29.66
N VAL A 969 18.16 -3.49 30.28
CA VAL A 969 19.43 -3.40 30.99
C VAL A 969 19.22 -3.87 32.42
N TYR A 970 19.93 -4.92 32.83
CA TYR A 970 19.86 -5.51 34.14
C TYR A 970 21.14 -5.20 34.91
N PHE A 971 21.08 -5.41 36.22
CA PHE A 971 22.25 -5.26 37.08
C PHE A 971 22.47 -6.54 37.87
N ASN A 972 23.73 -6.94 38.01
CA ASN A 972 24.10 -8.10 38.80
C ASN A 972 24.82 -7.57 40.03
N LYS A 973 24.30 -7.90 41.21
CA LYS A 973 24.83 -7.32 42.44
C LYS A 973 26.08 -8.05 42.93
N THR A 974 26.23 -9.33 42.59
CA THR A 974 27.35 -10.11 43.08
C THR A 974 28.64 -9.76 42.34
N THR A 975 28.60 -9.77 41.00
CA THR A 975 29.77 -9.46 40.20
C THR A 975 29.95 -7.97 39.95
N GLY A 976 28.89 -7.18 40.04
CA GLY A 976 29.01 -5.75 39.89
C GLY A 976 29.03 -5.26 38.47
N LYS A 977 28.33 -5.94 37.56
CA LYS A 977 28.29 -5.58 36.15
C LYS A 977 26.84 -5.49 35.69
N TYR A 978 26.67 -5.05 34.45
CA TYR A 978 25.36 -4.95 33.84
C TYR A 978 25.16 -6.06 32.83
N GLU A 979 23.91 -6.33 32.51
CA GLU A 979 23.54 -7.39 31.59
C GLU A 979 22.48 -6.88 30.63
N ILE A 980 22.77 -6.87 29.33
CA ILE A 980 21.91 -6.18 28.38
C ILE A 980 21.19 -7.23 27.54
N LEU A 981 19.95 -7.51 27.88
CA LEU A 981 19.16 -8.45 27.10
C LEU A 981 18.53 -7.73 25.91
N GLY A 982 18.10 -8.50 24.91
CA GLY A 982 17.56 -7.91 23.70
C GLY A 982 16.46 -8.70 23.03
N LEU A 983 15.35 -8.05 22.71
CA LEU A 983 14.23 -8.68 22.05
C LEU A 983 14.18 -8.29 20.58
N LYS A 984 13.53 -9.12 19.78
CA LYS A 984 13.33 -8.89 18.36
C LYS A 984 11.84 -8.95 18.05
N TYR A 985 11.48 -8.52 16.83
CA TYR A 985 10.09 -8.53 16.43
C TYR A 985 9.54 -9.94 16.30
N ALA A 986 10.40 -10.90 15.94
CA ALA A 986 9.97 -12.27 15.74
C ALA A 986 9.79 -13.04 17.04
N ASP A 987 10.05 -12.42 18.20
CA ASP A 987 9.84 -13.08 19.48
C ASP A 987 8.45 -12.81 20.04
N LEU A 988 7.88 -11.64 19.77
CA LEU A 988 6.46 -11.43 20.03
C LEU A 988 5.63 -12.21 19.02
N GLN A 989 4.51 -12.76 19.47
CA GLN A 989 3.65 -13.51 18.58
C GLN A 989 2.22 -13.46 19.08
N PHE A 990 1.30 -13.82 18.20
CA PHE A 990 -0.10 -13.93 18.58
C PHE A 990 -0.32 -15.17 19.43
N GLU A 991 -1.11 -15.02 20.49
CA GLU A 991 -1.31 -16.07 21.48
C GLU A 991 -2.49 -16.97 21.09
N LYS A 992 -2.32 -18.28 21.29
CA LYS A 992 -3.32 -19.26 20.87
C LYS A 992 -4.60 -19.23 21.70
N GLY A 993 -4.62 -18.58 22.84
CA GLY A 993 -5.82 -18.57 23.64
C GLY A 993 -6.79 -17.47 23.21
N THR A 994 -6.31 -16.23 23.27
CA THR A 994 -7.13 -15.05 23.00
C THR A 994 -6.97 -14.54 21.57
N GLY A 995 -5.74 -14.55 21.07
CA GLY A 995 -5.40 -13.84 19.85
C GLY A 995 -4.73 -12.52 20.06
N THR A 996 -4.29 -12.22 21.28
CA THR A 996 -3.64 -10.96 21.57
C THR A 996 -2.17 -11.02 21.18
N TYR A 997 -1.51 -9.88 21.26
CA TYR A 997 -0.11 -9.74 20.86
C TYR A 997 0.72 -9.49 22.10
N LYS A 998 1.37 -10.54 22.60
CA LYS A 998 2.19 -10.43 23.81
C LYS A 998 3.21 -11.56 23.81
N ILE A 999 4.23 -11.39 24.65
CA ILE A 999 5.29 -12.38 24.85
C ILE A 999 5.11 -13.00 26.24
N SER A 1000 5.29 -14.31 26.33
CA SER A 1000 4.97 -15.06 27.53
C SER A 1000 6.01 -14.82 28.62
N GLN A 1001 5.80 -15.47 29.77
CA GLN A 1001 6.73 -15.36 30.90
C GLN A 1001 7.83 -16.41 30.82
N GLU A 1002 7.46 -17.65 30.50
CA GLU A 1002 8.46 -18.71 30.38
C GLU A 1002 9.38 -18.47 29.19
N LYS A 1003 8.84 -17.92 28.10
CA LYS A 1003 9.67 -17.58 26.96
C LYS A 1003 10.61 -16.43 27.28
N TYR A 1004 10.17 -15.50 28.13
CA TYR A 1004 11.06 -14.41 28.52
C TYR A 1004 12.17 -14.92 29.44
N ASN A 1005 11.88 -15.89 30.30
CA ASN A 1005 12.94 -16.46 31.11
C ASN A 1005 13.87 -17.35 30.27
N ASP A 1006 13.36 -17.92 29.19
CA ASP A 1006 14.22 -18.67 28.27
C ASP A 1006 15.17 -17.74 27.52
N ILE A 1007 14.68 -16.56 27.11
CA ILE A 1007 15.57 -15.54 26.55
C ILE A 1007 16.54 -15.03 27.62
N LYS A 1008 16.11 -14.97 28.89
CA LYS A 1008 16.99 -14.58 29.98
C LYS A 1008 18.14 -15.57 30.15
N LYS A 1009 17.85 -16.87 30.01
CA LYS A 1009 18.90 -17.88 30.15
C LYS A 1009 19.82 -17.90 28.93
N LYS A 1010 19.26 -17.72 27.73
CA LYS A 1010 20.08 -17.75 26.53
C LYS A 1010 20.99 -16.53 26.41
N GLU A 1011 20.46 -15.34 26.69
CA GLU A 1011 21.24 -14.12 26.59
C GLU A 1011 22.26 -13.97 27.70
N GLY A 1012 22.17 -14.79 28.74
CA GLY A 1012 23.19 -14.87 29.77
C GLY A 1012 23.09 -13.83 30.85
N VAL A 1013 21.89 -13.63 31.39
CA VAL A 1013 21.68 -12.81 32.56
C VAL A 1013 21.46 -13.75 33.73
N ASP A 1014 21.59 -13.22 34.94
CA ASP A 1014 21.32 -14.03 36.13
C ASP A 1014 19.90 -13.81 36.61
N SER A 1015 19.34 -14.82 37.27
CA SER A 1015 17.95 -14.74 37.70
C SER A 1015 17.76 -13.86 38.92
N ASP A 1016 18.73 -13.83 39.83
CA ASP A 1016 18.67 -12.95 41.00
C ASP A 1016 19.34 -11.61 40.65
N SER A 1017 18.69 -10.90 39.73
CA SER A 1017 19.20 -9.63 39.22
C SER A 1017 18.10 -8.58 39.30
N GLU A 1018 18.51 -7.32 39.15
CA GLU A 1018 17.62 -6.18 39.31
C GLU A 1018 17.32 -5.57 37.94
N PHE A 1019 16.07 -5.64 37.52
CA PHE A 1019 15.63 -5.06 36.27
C PHE A 1019 15.67 -3.55 36.38
N LYS A 1020 16.61 -2.91 35.68
CA LYS A 1020 16.74 -1.46 35.82
C LYS A 1020 15.78 -0.72 34.91
N PHE A 1021 15.93 -0.85 33.59
CA PHE A 1021 15.07 -0.13 32.64
C PHE A 1021 15.15 -0.81 31.28
N THR A 1022 14.36 -0.28 30.34
CA THR A 1022 14.32 -0.71 28.95
C THR A 1022 14.78 0.43 28.04
N LEU A 1023 15.04 0.10 26.78
CA LEU A 1023 15.42 1.11 25.81
C LEU A 1023 14.88 0.75 24.44
N TYR A 1024 14.26 1.71 23.79
CA TYR A 1024 13.72 1.59 22.44
C TYR A 1024 14.69 2.23 21.46
N LYS A 1025 14.24 2.39 20.22
CA LYS A 1025 15.07 3.07 19.23
C LYS A 1025 15.12 4.56 19.52
N ASN A 1026 16.33 5.14 19.39
CA ASN A 1026 16.61 6.56 19.61
C ASN A 1026 16.25 7.04 21.02
N ASP A 1027 16.31 6.15 22.01
CA ASP A 1027 16.11 6.53 23.40
C ASP A 1027 17.47 6.74 24.02
N LEU A 1028 17.74 7.96 24.48
CA LEU A 1028 19.09 8.37 24.83
C LEU A 1028 19.58 7.67 26.09
N LEU A 1029 20.90 7.66 26.27
CA LEU A 1029 21.52 6.77 27.24
C LEU A 1029 22.84 7.38 27.70
N LEU A 1030 23.07 7.44 29.02
CA LEU A 1030 24.28 8.03 29.58
C LEU A 1030 25.13 6.94 30.22
N VAL A 1031 26.33 6.72 29.69
CA VAL A 1031 27.29 5.81 30.30
C VAL A 1031 28.40 6.63 30.94
N LYS A 1032 28.97 6.07 32.01
CA LYS A 1032 29.96 6.79 32.80
C LYS A 1032 30.81 5.77 33.55
N ASP A 1033 32.12 5.91 33.48
CA ASP A 1033 32.97 5.01 34.26
C ASP A 1033 33.13 5.54 35.68
N THR A 1034 33.56 4.66 36.57
CA THR A 1034 33.65 5.00 37.98
C THR A 1034 35.09 5.17 38.47
N GLU A 1035 36.03 5.47 37.58
CA GLU A 1035 37.41 5.70 37.99
C GLU A 1035 37.93 7.07 37.60
N THR A 1036 37.54 7.61 36.45
CA THR A 1036 37.78 9.02 36.13
C THR A 1036 36.50 9.85 36.27
N LYS A 1037 35.34 9.18 36.28
CA LYS A 1037 34.00 9.80 36.26
C LYS A 1037 33.82 10.73 35.06
N GLU A 1038 34.25 10.26 33.89
CA GLU A 1038 33.96 10.94 32.63
C GLU A 1038 32.86 10.18 31.92
N GLN A 1039 31.92 10.93 31.33
CA GLN A 1039 30.67 10.36 30.85
C GLN A 1039 30.41 10.77 29.42
N GLN A 1040 29.56 9.99 28.75
CA GLN A 1040 29.04 10.37 27.45
C GLN A 1040 27.67 9.75 27.25
N LEU A 1041 26.83 10.43 26.46
CA LEU A 1041 25.49 9.96 26.18
C LEU A 1041 25.33 9.72 24.69
N PHE A 1042 24.68 8.59 24.35
CA PHE A 1042 24.49 8.14 22.99
C PHE A 1042 23.01 7.89 22.73
N ARG A 1043 22.67 7.68 21.46
CA ARG A 1043 21.37 7.13 21.08
C ARG A 1043 21.48 5.62 20.94
N PHE A 1044 20.57 4.89 21.58
CA PHE A 1044 20.50 3.46 21.40
C PHE A 1044 20.05 3.14 19.98
N LEU A 1045 20.59 2.06 19.39
CA LEU A 1045 20.07 1.58 18.12
C LEU A 1045 19.54 0.16 18.22
N SER A 1046 20.38 -0.80 18.67
CA SER A 1046 20.06 -2.22 18.60
C SER A 1046 21.13 -3.02 19.33
N ARG A 1047 20.72 -4.17 19.83
CA ARG A 1047 21.62 -5.16 20.42
C ARG A 1047 22.06 -6.12 19.31
N THR A 1048 23.34 -6.08 18.94
CA THR A 1048 23.86 -6.82 17.81
C THR A 1048 24.70 -8.02 18.25
N MET A 1049 25.04 -8.85 17.25
CA MET A 1049 25.95 -10.00 17.29
C MET A 1049 25.61 -10.96 18.41
N PRO A 1050 24.55 -11.77 18.27
CA PRO A 1050 23.95 -12.44 19.42
C PRO A 1050 24.80 -13.55 20.04
N LYS A 1051 25.90 -13.97 19.41
CA LYS A 1051 26.79 -14.90 20.09
C LYS A 1051 27.61 -14.19 21.16
N GLN A 1052 28.29 -13.11 20.79
CA GLN A 1052 29.13 -12.38 21.73
C GLN A 1052 28.24 -11.50 22.61
N LYS A 1053 28.32 -11.72 23.91
CA LYS A 1053 27.31 -11.22 24.83
C LYS A 1053 27.58 -9.77 25.23
N HIS A 1054 26.48 -9.05 25.45
CA HIS A 1054 26.46 -7.63 25.90
C HIS A 1054 27.16 -6.70 24.91
N TYR A 1055 26.74 -6.76 23.65
CA TYR A 1055 27.14 -5.77 22.65
C TYR A 1055 25.97 -4.90 22.24
N VAL A 1056 26.24 -3.62 22.03
CA VAL A 1056 25.23 -2.60 21.79
C VAL A 1056 25.67 -1.75 20.61
N GLU A 1057 24.78 -1.59 19.62
CA GLU A 1057 25.01 -0.61 18.57
C GLU A 1057 24.42 0.72 19.00
N LEU A 1058 25.22 1.77 18.88
CA LEU A 1058 24.85 3.07 19.39
C LEU A 1058 25.31 4.17 18.44
N LYS A 1059 24.49 5.19 18.33
CA LYS A 1059 24.54 6.24 17.33
C LYS A 1059 24.83 7.57 18.01
N PRO A 1060 25.37 8.56 17.28
CA PRO A 1060 25.81 9.80 17.95
C PRO A 1060 24.66 10.64 18.49
N TYR A 1061 25.02 11.53 19.40
CA TYR A 1061 24.03 12.40 20.04
C TYR A 1061 23.54 13.48 19.09
N ASP A 1062 24.47 14.05 18.32
CA ASP A 1062 24.17 15.19 17.44
C ASP A 1062 24.15 14.83 15.96
N LYS A 1063 25.21 14.23 15.44
CA LYS A 1063 25.21 13.77 14.05
C LYS A 1063 24.61 12.36 13.99
N GLN A 1064 24.71 11.71 12.83
CA GLN A 1064 24.32 10.31 12.72
C GLN A 1064 25.26 9.46 11.90
N LYS A 1065 26.35 10.01 11.38
CA LYS A 1065 27.14 9.35 10.35
C LYS A 1065 28.31 8.56 10.91
N PHE A 1066 29.05 9.14 11.86
CA PHE A 1066 30.32 8.61 12.39
C PHE A 1066 31.31 8.36 11.25
N GLU A 1067 31.70 9.44 10.59
CA GLU A 1067 32.71 9.36 9.54
C GLU A 1067 34.06 9.00 10.14
N GLY A 1068 34.58 7.83 9.79
CA GLY A 1068 35.84 7.38 10.32
C GLY A 1068 35.73 6.99 11.78
N GLY A 1069 36.88 7.01 12.44
CA GLY A 1069 36.93 6.73 13.86
C GLY A 1069 37.24 7.95 14.71
N GLU A 1070 36.24 8.51 15.38
CA GLU A 1070 36.44 9.57 16.34
C GLU A 1070 36.66 8.97 17.73
N ALA A 1071 37.60 9.54 18.48
CA ALA A 1071 37.95 9.02 19.78
C ALA A 1071 36.84 9.25 20.79
N LEU A 1072 36.66 8.28 21.68
CA LEU A 1072 35.61 8.24 22.67
C LEU A 1072 36.23 8.29 24.06
N ILE A 1073 35.42 7.97 25.07
CA ILE A 1073 35.91 7.76 26.43
C ILE A 1073 36.97 6.66 26.42
N LYS A 1074 37.98 6.79 27.28
CA LYS A 1074 39.09 5.86 27.31
C LYS A 1074 38.69 4.46 27.78
N VAL A 1075 37.56 4.34 28.48
CA VAL A 1075 37.11 3.02 28.91
C VAL A 1075 36.44 2.27 27.77
N LEU A 1076 36.08 2.96 26.69
CA LEU A 1076 35.35 2.36 25.58
C LEU A 1076 36.23 2.13 24.36
N GLY A 1077 36.95 3.15 23.91
CA GLY A 1077 37.92 2.97 22.86
C GLY A 1077 37.75 3.92 21.69
N ASN A 1078 37.95 3.41 20.48
CA ASN A 1078 37.82 4.18 19.26
C ASN A 1078 36.73 3.57 18.40
N VAL A 1079 36.11 4.40 17.56
CA VAL A 1079 35.08 3.94 16.66
C VAL A 1079 35.74 3.26 15.46
N ALA A 1080 35.14 2.16 15.00
CA ALA A 1080 35.64 1.41 13.85
C ALA A 1080 35.71 2.27 12.59
N ASN A 1081 36.59 1.87 11.68
CA ASN A 1081 36.98 2.70 10.54
C ASN A 1081 36.07 2.53 9.33
N SER A 1082 34.95 1.84 9.49
CA SER A 1082 33.99 1.70 8.40
C SER A 1082 32.78 2.62 8.54
N GLY A 1083 32.40 2.93 9.77
CA GLY A 1083 31.28 3.83 10.01
C GLY A 1083 30.31 3.31 11.03
N GLN A 1084 30.42 2.05 11.40
CA GLN A 1084 29.54 1.44 12.37
C GLN A 1084 30.20 1.41 13.74
N CYS A 1085 29.39 1.50 14.78
CA CYS A 1085 29.89 1.49 16.15
C CYS A 1085 29.13 0.43 16.93
N LYS A 1086 29.83 -0.58 17.41
CA LYS A 1086 29.24 -1.66 18.17
C LYS A 1086 30.18 -2.08 19.30
N LYS A 1087 30.67 -1.08 20.02
CA LYS A 1087 31.48 -1.24 21.23
C LYS A 1087 30.75 -2.06 22.30
N GLY A 1088 31.51 -2.42 23.33
CA GLY A 1088 31.06 -3.40 24.30
C GLY A 1088 30.77 -2.78 25.66
N LEU A 1089 29.57 -3.06 26.15
CA LEU A 1089 29.18 -2.74 27.51
C LEU A 1089 29.46 -3.96 28.37
N GLY A 1090 28.94 -3.96 29.60
CA GLY A 1090 29.11 -5.13 30.44
C GLY A 1090 30.51 -5.32 30.99
N LYS A 1091 31.32 -4.28 30.96
CA LYS A 1091 32.64 -4.28 31.57
C LYS A 1091 32.52 -3.81 33.01
N SER A 1092 33.52 -4.17 33.83
CA SER A 1092 33.51 -3.76 35.22
C SER A 1092 33.91 -2.31 35.35
N ASN A 1093 33.45 -1.68 36.44
CA ASN A 1093 33.63 -0.27 36.76
C ASN A 1093 33.07 0.63 35.64
N ILE A 1094 31.76 0.55 35.50
CA ILE A 1094 31.01 1.38 34.56
C ILE A 1094 29.59 1.49 35.10
N SER A 1095 28.85 2.49 34.61
CA SER A 1095 27.51 2.77 35.10
C SER A 1095 26.67 3.27 33.95
N ILE A 1096 25.39 2.86 33.94
CA ILE A 1096 24.48 3.09 32.84
C ILE A 1096 23.20 3.70 33.39
N TYR A 1097 22.82 4.87 32.88
CA TYR A 1097 21.62 5.57 33.29
C TYR A 1097 20.80 5.93 32.06
N LYS A 1098 19.47 5.90 32.20
CA LYS A 1098 18.62 6.38 31.12
C LYS A 1098 18.45 7.88 31.29
N VAL A 1099 18.46 8.62 30.19
CA VAL A 1099 17.97 9.99 30.25
C VAL A 1099 16.73 10.07 29.37
N ARG A 1100 15.82 10.97 29.74
CA ARG A 1100 14.67 11.30 28.91
C ARG A 1100 14.62 12.80 28.73
N THR A 1101 14.48 13.23 27.49
CA THR A 1101 14.31 14.63 27.19
C THR A 1101 12.85 14.90 26.86
N ASP A 1102 12.36 16.08 27.24
CA ASP A 1102 11.04 16.50 26.83
C ASP A 1102 11.13 17.14 25.44
N VAL A 1103 10.06 17.80 25.01
CA VAL A 1103 10.00 18.32 23.65
C VAL A 1103 10.94 19.51 23.49
N LEU A 1104 11.16 20.29 24.56
CA LEU A 1104 12.12 21.37 24.50
C LEU A 1104 13.56 20.89 24.66
N GLY A 1105 13.77 19.67 25.15
CA GLY A 1105 15.10 19.11 25.24
C GLY A 1105 15.75 19.15 26.61
N ASN A 1106 15.01 19.43 27.67
CA ASN A 1106 15.56 19.45 29.01
C ASN A 1106 15.72 18.04 29.53
N GLN A 1107 16.95 17.65 29.85
CA GLN A 1107 17.26 16.27 30.25
C GLN A 1107 16.64 15.91 31.59
N HIS A 1108 16.40 14.62 31.78
CA HIS A 1108 16.00 14.06 33.07
C HIS A 1108 16.65 12.70 33.20
N ILE A 1109 17.66 12.59 34.07
CA ILE A 1109 18.44 11.37 34.23
C ILE A 1109 17.79 10.49 35.28
N ILE A 1110 17.36 9.30 34.88
CA ILE A 1110 16.77 8.32 35.77
C ILE A 1110 17.62 7.06 35.77
N LYS A 1111 17.39 6.22 36.78
CA LYS A 1111 18.23 5.05 36.99
C LYS A 1111 17.51 3.77 37.40
N ASN A 1112 16.20 3.79 37.65
CA ASN A 1112 15.46 2.57 37.98
C ASN A 1112 13.98 2.84 37.77
N GLU A 1113 13.29 1.93 37.08
CA GLU A 1113 11.91 2.17 36.67
C GLU A 1113 10.90 1.29 37.37
N GLY A 1114 11.14 -0.01 37.51
CA GLY A 1114 10.10 -0.82 38.10
C GLY A 1114 10.62 -2.13 38.66
N ASP A 1115 9.69 -2.89 39.26
CA ASP A 1115 10.00 -4.22 39.76
C ASP A 1115 10.12 -5.23 38.63
N LYS A 1116 9.38 -5.03 37.54
CA LYS A 1116 9.32 -6.02 36.49
C LYS A 1116 9.08 -5.31 35.16
N PRO A 1117 9.60 -5.86 34.06
CA PRO A 1117 9.30 -5.29 32.75
C PRO A 1117 7.86 -5.56 32.33
N LYS A 1118 7.37 -4.73 31.42
CA LYS A 1118 5.98 -4.84 30.96
C LYS A 1118 5.92 -5.68 29.70
N LEU A 1119 4.98 -6.63 29.68
CA LEU A 1119 4.81 -7.56 28.57
C LEU A 1119 3.35 -7.66 28.17
N ASP A 1120 2.58 -6.59 28.37
CA ASP A 1120 1.18 -6.53 27.94
C ASP A 1120 0.91 -5.13 27.45
N PHE A 1121 0.36 -5.01 26.24
CA PHE A 1121 0.19 -3.71 25.60
C PHE A 1121 -1.23 -3.49 25.12
#